data_6HK4
#
_entry.id   6HK4
#
_cell.length_a   63.190
_cell.length_b   67.205
_cell.length_c   67.321
_cell.angle_alpha   100.500
_cell.angle_beta   103.700
_cell.angle_gamma   90.670
#
_symmetry.space_group_name_H-M   'P 1'
#
loop_
_entity.id
_entity.type
_entity.pdbx_description
1 polymer 'Glycogen synthase kinase-3 beta'
2 polymer GLY-SER-HIS-GLY-HIS-HIS-HIS-HIS-HIS
3 non-polymer 'MALONATE ION'
4 non-polymer GLYCEROL
5 non-polymer 'DIMETHYL SULFOXIDE'
6 non-polymer 3-azanyl-6-(4-morpholin-4-ylsulfonylphenyl)-~{N}-pyridin-3-yl-pyrazine-2-carboxamide
7 water water
#
loop_
_entity_poly.entity_id
_entity_poly.type
_entity_poly.pdbx_seq_one_letter_code
_entity_poly.pdbx_strand_id
1 'polypeptide(L)'
;SKVTTVVATPGQGPDRPQEVSYTDTKVIGNGSFGVVYQAKLCDSGELVAIKKVLQDKRFKNRELQIMRKLDHCNIVRLRY
FFYSSGEKKDEVYLNLVLDYVPETVYRVARHYSRAKQTLPVIYVKLYMYQLFRSLAYIHSFGICHRDIKPQNLLLDPDTA
VLKLCDFGSAKQLVRGEPNVS(PTR)ICSRYYRAPELIFGATDYTSSIDVWSAGCVLAELLLGQPIFPGDSGVDQLVEII
KVLGTPTREQIREMNPNYTEFKFPQIKAHPWTKVFRPRTPPEAIALCSRLLEYTPTARLTPLEACAHSFFDELRDPNVKL
PNGRDTPALFNFTTQELSSNPPLATILIPPHARI
;
A,B
2 'polypeptide(L)' GSHGHHHHH N
#
loop_
_chem_comp.id
_chem_comp.type
_chem_comp.name
_chem_comp.formula
DMS non-polymer 'DIMETHYL SULFOXIDE' 'C2 H6 O S'
G8E non-polymer 3-azanyl-6-(4-morpholin-4-ylsulfonylphenyl)-~{N}-pyridin-3-yl-pyrazine-2-carboxamide 'C20 H20 N6 O4 S'
GOL non-polymer GLYCEROL 'C3 H8 O3'
MLI non-polymer 'MALONATE ION' 'C3 H2 O4 -2'
#
# COMPACT_ATOMS: atom_id res chain seq x y z
N SER A 1 -24.17 -0.23 -25.52
CA SER A 1 -23.29 0.92 -25.34
C SER A 1 -23.17 1.69 -26.64
N LYS A 2 -22.73 2.95 -26.54
CA LYS A 2 -22.57 3.78 -27.73
C LYS A 2 -21.17 4.40 -27.81
N VAL A 3 -21.08 5.55 -28.47
CA VAL A 3 -19.83 6.14 -28.92
C VAL A 3 -19.58 7.44 -28.15
N THR A 4 -18.38 7.57 -27.59
CA THR A 4 -17.96 8.83 -26.97
C THR A 4 -16.87 9.45 -27.83
N THR A 5 -16.94 10.78 -28.00
CA THR A 5 -16.02 11.53 -28.85
C THR A 5 -15.46 12.70 -28.06
N VAL A 6 -14.14 12.90 -28.13
CA VAL A 6 -13.48 13.98 -27.42
C VAL A 6 -12.45 14.63 -28.34
N VAL A 7 -11.97 15.80 -27.92
CA VAL A 7 -10.93 16.53 -28.63
C VAL A 7 -9.63 16.33 -27.88
N ALA A 8 -8.70 15.60 -28.49
CA ALA A 8 -7.49 15.14 -27.81
C ALA A 8 -6.27 15.59 -28.58
N THR A 9 -5.38 16.32 -27.88
CA THR A 9 -4.04 16.61 -28.38
C THR A 9 -3.25 15.31 -28.47
N PRO A 10 -2.47 15.11 -29.53
CA PRO A 10 -1.68 13.88 -29.63
C PRO A 10 -0.51 13.90 -28.67
N GLY A 11 -0.19 12.72 -28.13
CA GLY A 11 0.76 12.53 -27.05
C GLY A 11 2.11 13.21 -27.19
N GLN A 12 2.98 12.68 -28.04
CA GLN A 12 4.30 13.26 -28.19
C GLN A 12 4.38 14.21 -29.37
N GLY A 13 3.33 14.27 -30.20
CA GLY A 13 3.37 14.97 -31.46
C GLY A 13 3.12 16.45 -31.29
N PRO A 14 2.55 17.08 -32.31
CA PRO A 14 2.27 18.52 -32.23
C PRO A 14 1.01 18.79 -31.44
N ASP A 15 0.88 20.04 -30.99
CA ASP A 15 -0.29 20.46 -30.21
C ASP A 15 -1.46 20.77 -31.14
N ARG A 16 -1.83 19.76 -31.92
CA ARG A 16 -2.87 19.81 -32.93
C ARG A 16 -4.08 19.01 -32.47
N PRO A 17 -4.94 19.57 -31.63
CA PRO A 17 -6.07 18.79 -31.09
C PRO A 17 -6.98 18.27 -32.19
N GLN A 18 -7.31 16.97 -32.10
CA GLN A 18 -8.18 16.34 -33.08
C GLN A 18 -9.31 15.58 -32.41
N GLU A 19 -10.30 15.25 -33.22
CA GLU A 19 -11.44 14.50 -32.75
C GLU A 19 -11.08 13.01 -32.78
N VAL A 20 -11.19 12.36 -31.62
CA VAL A 20 -10.98 10.93 -31.48
C VAL A 20 -12.27 10.34 -30.93
N SER A 21 -12.68 9.18 -31.46
CA SER A 21 -13.91 8.55 -31.01
C SER A 21 -13.65 7.15 -30.46
N TYR A 22 -14.39 6.77 -29.42
CA TYR A 22 -14.16 5.47 -28.82
C TYR A 22 -15.43 4.95 -28.17
N THR A 23 -15.46 3.63 -27.98
CA THR A 23 -16.59 2.94 -27.41
C THR A 23 -16.10 1.80 -26.54
N ASP A 24 -17.04 1.12 -25.89
CA ASP A 24 -16.75 -0.13 -25.17
C ASP A 24 -15.93 0.14 -23.91
N THR A 25 -16.33 1.13 -23.14
CA THR A 25 -15.62 1.53 -21.94
C THR A 25 -15.88 0.56 -20.79
N LYS A 26 -14.81 0.12 -20.11
CA LYS A 26 -14.95 -0.66 -18.88
C LYS A 26 -13.82 -0.36 -17.92
N VAL A 27 -14.16 -0.31 -16.62
CA VAL A 27 -13.14 -0.01 -15.60
C VAL A 27 -12.14 -1.15 -15.56
N ILE A 28 -10.85 -0.81 -15.39
CA ILE A 28 -9.79 -1.81 -15.26
C ILE A 28 -8.76 -1.45 -14.17
N GLY A 29 -8.96 -0.33 -13.49
CA GLY A 29 -7.97 0.10 -12.51
C GLY A 29 -8.38 1.41 -11.89
N ASN A 30 -7.69 1.76 -10.81
CA ASN A 30 -7.99 2.97 -10.03
C ASN A 30 -6.83 3.31 -9.09
N GLY A 31 -7.07 4.23 -8.17
CA GLY A 31 -6.05 4.70 -7.25
C GLY A 31 -6.39 6.09 -6.76
N SER A 32 -5.39 6.74 -6.17
CA SER A 32 -5.62 8.07 -5.63
C SER A 32 -5.88 9.08 -6.73
N PHE A 33 -5.30 8.86 -7.91
CA PHE A 33 -5.47 9.80 -9.01
C PHE A 33 -6.90 9.78 -9.54
N GLY A 34 -7.57 8.63 -9.45
CA GLY A 34 -8.87 8.49 -10.08
C GLY A 34 -9.08 7.07 -10.57
N VAL A 35 -9.38 6.91 -11.86
CA VAL A 35 -9.88 5.65 -12.42
C VAL A 35 -9.14 5.39 -13.73
N VAL A 36 -9.05 4.11 -14.11
CA VAL A 36 -8.46 3.71 -15.38
C VAL A 36 -9.48 2.89 -16.15
N TYR A 37 -9.62 3.17 -17.45
CA TYR A 37 -10.55 2.43 -18.29
C TYR A 37 -9.82 1.70 -19.42
N GLN A 38 -10.45 0.64 -19.88
CA GLN A 38 -10.19 0.13 -21.21
C GLN A 38 -11.22 0.75 -22.15
N ALA A 39 -10.79 1.06 -23.37
CA ALA A 39 -11.66 1.57 -24.42
C ALA A 39 -11.20 1.03 -25.77
N LYS A 40 -12.13 1.00 -26.72
CA LYS A 40 -11.83 0.62 -28.09
C LYS A 40 -11.99 1.84 -28.99
N LEU A 41 -10.92 2.19 -29.72
CA LEU A 41 -10.94 3.28 -30.70
C LEU A 41 -11.85 2.95 -31.86
N CYS A 42 -12.87 3.78 -32.09
CA CYS A 42 -13.83 3.51 -33.16
C CYS A 42 -13.18 3.51 -34.55
N ASP A 43 -12.08 4.26 -34.74
CA ASP A 43 -11.38 4.25 -36.02
C ASP A 43 -10.74 2.90 -36.31
N SER A 44 -9.82 2.46 -35.45
CA SER A 44 -9.02 1.26 -35.70
C SER A 44 -9.47 0.04 -34.90
N GLY A 45 -10.40 0.21 -33.96
CA GLY A 45 -10.76 -0.90 -33.10
C GLY A 45 -9.61 -1.35 -32.22
N GLU A 46 -8.55 -0.54 -32.15
CA GLU A 46 -7.42 -0.83 -31.28
C GLU A 46 -7.81 -0.57 -29.84
N LEU A 47 -7.41 -1.49 -28.96
CA LEU A 47 -7.68 -1.31 -27.55
C LEU A 47 -6.74 -0.28 -26.95
N VAL A 48 -7.28 0.63 -26.16
CA VAL A 48 -6.45 1.57 -25.43
C VAL A 48 -6.94 1.64 -23.99
N ALA A 49 -6.08 2.17 -23.14
CA ALA A 49 -6.46 2.46 -21.77
C ALA A 49 -6.55 3.97 -21.60
N ILE A 50 -7.45 4.40 -20.71
CA ILE A 50 -7.63 5.80 -20.40
C ILE A 50 -7.51 6.00 -18.88
N LYS A 51 -6.39 6.56 -18.47
CA LYS A 51 -6.19 6.93 -17.08
C LYS A 51 -6.76 8.32 -16.86
N LYS A 52 -7.72 8.43 -15.96
CA LYS A 52 -8.43 9.66 -15.70
C LYS A 52 -8.02 10.15 -14.32
N VAL A 53 -7.54 11.39 -14.23
CA VAL A 53 -7.00 11.93 -12.99
C VAL A 53 -7.61 13.30 -12.75
N LEU A 54 -7.76 13.64 -11.48
CA LEU A 54 -8.23 14.96 -11.09
C LEU A 54 -7.08 15.95 -11.15
N GLN A 55 -7.18 16.94 -12.05
CA GLN A 55 -6.13 17.91 -12.22
C GLN A 55 -6.48 19.18 -11.47
N ASP A 56 -5.57 19.63 -10.61
CA ASP A 56 -5.68 20.96 -10.04
C ASP A 56 -5.51 21.99 -11.16
N LYS A 57 -6.59 22.72 -11.45
CA LYS A 57 -6.69 23.52 -12.67
C LYS A 57 -5.48 24.41 -12.93
N ARG A 58 -4.77 24.81 -11.88
CA ARG A 58 -3.78 25.87 -12.00
C ARG A 58 -2.34 25.41 -11.94
N PHE A 59 -2.06 24.21 -11.43
CA PHE A 59 -0.71 23.67 -11.51
C PHE A 59 -0.62 22.62 -12.61
N LYS A 60 0.62 22.29 -12.98
CA LYS A 60 0.87 21.32 -14.03
C LYS A 60 0.98 19.90 -13.46
N ASN A 61 0.86 18.92 -14.35
CA ASN A 61 0.71 17.52 -13.98
C ASN A 61 1.96 16.79 -14.44
N ARG A 62 2.81 16.37 -13.50
CA ARG A 62 4.14 15.93 -13.91
C ARG A 62 4.12 14.61 -14.66
N GLU A 63 3.08 13.78 -14.46
CA GLU A 63 3.01 12.54 -15.22
C GLU A 63 2.83 12.84 -16.69
N LEU A 64 1.91 13.75 -17.02
CA LEU A 64 1.74 14.17 -18.40
C LEU A 64 3.04 14.69 -18.99
N GLN A 65 3.76 15.54 -18.25
CA GLN A 65 5.02 16.05 -18.77
C GLN A 65 5.99 14.91 -19.07
N ILE A 66 6.16 14.00 -18.12
CA ILE A 66 7.06 12.87 -18.29
C ILE A 66 6.64 12.02 -19.49
N MET A 67 5.32 11.86 -19.70
CA MET A 67 4.86 10.94 -20.72
C MET A 67 4.89 11.55 -22.12
N ARG A 68 4.71 12.86 -22.23
CA ARG A 68 4.76 13.45 -23.58
C ARG A 68 6.14 13.31 -24.19
N LYS A 69 7.18 13.10 -23.39
CA LYS A 69 8.53 13.10 -23.90
C LYS A 69 9.16 11.71 -23.99
N LEU A 70 8.36 10.65 -23.91
CA LEU A 70 8.87 9.29 -23.94
C LEU A 70 8.42 8.54 -25.20
N ASP A 71 9.37 7.88 -25.86
CA ASP A 71 9.02 7.07 -27.03
C ASP A 71 9.87 5.80 -27.02
N HIS A 72 9.27 4.69 -26.60
CA HIS A 72 10.06 3.49 -26.39
C HIS A 72 9.16 2.27 -26.44
N CYS A 73 9.63 1.23 -27.13
CA CYS A 73 8.80 0.06 -27.33
C CYS A 73 8.59 -0.77 -26.07
N ASN A 74 9.35 -0.51 -24.99
CA ASN A 74 9.08 -1.11 -23.69
C ASN A 74 8.41 -0.16 -22.72
N ILE A 75 7.93 1.00 -23.19
CA ILE A 75 7.07 1.86 -22.38
C ILE A 75 5.72 2.00 -23.07
N VAL A 76 4.69 2.19 -22.25
CA VAL A 76 3.33 2.45 -22.72
C VAL A 76 3.29 3.84 -23.36
N ARG A 77 2.91 3.89 -24.64
CA ARG A 77 2.92 5.15 -25.39
C ARG A 77 1.71 6.00 -25.00
N LEU A 78 1.96 7.27 -24.68
CA LEU A 78 0.86 8.23 -24.55
C LEU A 78 0.38 8.56 -25.96
N ARG A 79 -0.73 7.95 -26.38
CA ARG A 79 -1.30 8.21 -27.69
C ARG A 79 -1.90 9.60 -27.75
N TYR A 80 -2.76 9.93 -26.79
CA TYR A 80 -3.41 11.23 -26.70
C TYR A 80 -3.66 11.58 -25.25
N PHE A 81 -3.92 12.86 -25.01
CA PHE A 81 -4.55 13.26 -23.77
C PHE A 81 -5.64 14.27 -24.08
N PHE A 82 -6.59 14.38 -23.16
CA PHE A 82 -7.71 15.30 -23.33
C PHE A 82 -8.30 15.63 -21.98
N TYR A 83 -9.13 16.66 -21.94
CA TYR A 83 -9.77 17.08 -20.70
C TYR A 83 -11.26 16.76 -20.73
N SER A 84 -11.84 16.71 -19.53
CA SER A 84 -13.25 16.40 -19.37
C SER A 84 -13.67 16.98 -18.04
N SER A 85 -14.99 17.09 -17.85
CA SER A 85 -15.54 17.59 -16.60
C SER A 85 -16.75 16.78 -16.19
N GLY A 86 -16.87 16.51 -14.90
CA GLY A 86 -18.04 15.82 -14.38
C GLY A 86 -17.78 15.23 -13.00
N GLU A 87 -18.87 14.73 -12.40
CA GLU A 87 -18.86 14.12 -11.07
C GLU A 87 -18.44 15.10 -9.97
N LYS A 88 -17.41 15.92 -10.26
CA LYS A 88 -16.97 17.01 -9.40
C LYS A 88 -17.66 18.33 -9.73
N LYS A 89 -18.75 18.28 -10.50
CA LYS A 89 -19.57 19.43 -10.87
C LYS A 89 -18.83 20.40 -11.78
N ASP A 90 -17.93 21.19 -11.20
CA ASP A 90 -17.25 22.28 -11.87
C ASP A 90 -15.73 22.08 -11.83
N GLU A 91 -15.27 20.83 -11.97
CA GLU A 91 -13.83 20.58 -11.89
C GLU A 91 -13.41 19.62 -13.00
N VAL A 92 -12.11 19.60 -13.27
CA VAL A 92 -11.56 19.16 -14.54
C VAL A 92 -10.64 17.95 -14.34
N TYR A 93 -10.82 16.94 -15.20
CA TYR A 93 -9.96 15.77 -15.25
C TYR A 93 -9.06 15.77 -16.47
N LEU A 94 -7.83 15.32 -16.27
CA LEU A 94 -6.90 15.05 -17.36
C LEU A 94 -7.00 13.56 -17.69
N ASN A 95 -7.12 13.26 -18.98
CA ASN A 95 -7.33 11.89 -19.44
C ASN A 95 -6.14 11.49 -20.28
N LEU A 96 -5.39 10.49 -19.82
CA LEU A 96 -4.29 9.92 -20.58
C LEU A 96 -4.79 8.74 -21.40
N VAL A 97 -4.51 8.73 -22.71
CA VAL A 97 -4.90 7.66 -23.63
C VAL A 97 -3.62 6.89 -23.98
N LEU A 98 -3.56 5.63 -23.56
CA LEU A 98 -2.32 4.87 -23.53
C LEU A 98 -2.52 3.54 -24.21
N ASP A 99 -1.43 2.97 -24.73
CA ASP A 99 -1.47 1.58 -25.17
C ASP A 99 -2.15 0.76 -24.09
N TYR A 100 -3.03 -0.12 -24.52
CA TYR A 100 -3.53 -1.19 -23.67
C TYR A 100 -2.72 -2.44 -23.96
N VAL A 101 -2.20 -3.05 -22.90
CA VAL A 101 -1.48 -4.32 -22.99
C VAL A 101 -2.19 -5.24 -22.02
N PRO A 102 -2.48 -6.49 -22.39
CA PRO A 102 -3.54 -7.23 -21.67
C PRO A 102 -3.12 -7.98 -20.41
N GLU A 103 -1.87 -8.41 -20.29
CA GLU A 103 -1.42 -9.18 -19.13
C GLU A 103 -0.46 -8.35 -18.29
N THR A 104 -0.10 -8.89 -17.11
CA THR A 104 0.95 -8.29 -16.28
C THR A 104 1.88 -9.36 -15.71
N VAL A 105 3.08 -8.93 -15.30
CA VAL A 105 4.04 -9.87 -14.73
C VAL A 105 3.51 -10.43 -13.42
N TYR A 106 2.76 -9.62 -12.67
CA TYR A 106 2.20 -10.08 -11.41
C TYR A 106 1.25 -11.23 -11.65
N ARG A 107 0.43 -11.15 -12.70
CA ARG A 107 -0.57 -12.20 -12.92
C ARG A 107 0.07 -13.48 -13.43
N VAL A 108 1.03 -13.37 -14.36
CA VAL A 108 1.81 -14.53 -14.79
C VAL A 108 2.47 -15.20 -13.59
N ALA A 109 3.28 -14.44 -12.84
CA ALA A 109 3.98 -15.00 -11.70
C ALA A 109 3.03 -15.60 -10.67
N ARG A 110 1.89 -14.95 -10.45
CA ARG A 110 0.90 -15.49 -9.53
C ARG A 110 0.38 -16.83 -10.01
N HIS A 111 0.23 -16.98 -11.34
CA HIS A 111 -0.37 -18.18 -11.91
C HIS A 111 0.56 -19.39 -11.81
N TYR A 112 1.86 -19.20 -12.06
CA TYR A 112 2.83 -20.26 -11.80
C TYR A 112 2.98 -20.53 -10.30
N SER A 113 2.88 -19.49 -9.47
CA SER A 113 3.00 -19.66 -8.03
C SER A 113 1.86 -20.51 -7.49
N ARG A 114 0.64 -20.24 -7.94
CA ARG A 114 -0.51 -21.00 -7.46
C ARG A 114 -0.43 -22.46 -7.90
N ALA A 115 0.36 -22.76 -8.93
CA ALA A 115 0.54 -24.11 -9.43
C ALA A 115 1.81 -24.76 -8.90
N LYS A 116 2.44 -24.18 -7.88
CA LYS A 116 3.73 -24.65 -7.36
C LYS A 116 4.73 -24.86 -8.49
N GLN A 117 4.67 -24.01 -9.51
CA GLN A 117 5.63 -24.02 -10.60
C GLN A 117 6.41 -22.70 -10.61
N THR A 118 7.54 -22.73 -11.29
CA THR A 118 8.38 -21.56 -11.49
C THR A 118 8.27 -21.13 -12.94
N LEU A 119 8.12 -19.84 -13.15
CA LEU A 119 8.21 -19.30 -14.50
C LEU A 119 9.53 -19.75 -15.12
N PRO A 120 9.52 -20.28 -16.34
CA PRO A 120 10.79 -20.77 -16.92
C PRO A 120 11.76 -19.61 -17.16
N VAL A 121 13.04 -19.89 -16.96
CA VAL A 121 14.07 -18.86 -17.02
C VAL A 121 14.08 -18.07 -18.34
N ILE A 122 13.55 -18.63 -19.43
CA ILE A 122 13.53 -17.89 -20.70
C ILE A 122 12.59 -16.70 -20.59
N TYR A 123 11.44 -16.86 -19.94
CA TYR A 123 10.56 -15.72 -19.71
C TYR A 123 11.15 -14.76 -18.70
N VAL A 124 11.88 -15.27 -17.71
CA VAL A 124 12.57 -14.41 -16.75
C VAL A 124 13.56 -13.50 -17.48
N LYS A 125 14.38 -14.08 -18.37
CA LYS A 125 15.34 -13.27 -19.10
C LYS A 125 14.64 -12.24 -20.00
N LEU A 126 13.62 -12.68 -20.73
CA LEU A 126 12.94 -11.77 -21.65
C LEU A 126 12.28 -10.62 -20.91
N TYR A 127 11.54 -10.95 -19.83
CA TYR A 127 10.87 -9.89 -19.06
C TYR A 127 11.89 -8.97 -18.40
N MET A 128 12.95 -9.52 -17.79
CA MET A 128 13.85 -8.68 -17.02
C MET A 128 14.71 -7.79 -17.91
N TYR A 129 15.13 -8.32 -19.06
CA TYR A 129 15.90 -7.55 -20.04
C TYR A 129 15.11 -6.34 -20.54
N GLN A 130 13.86 -6.56 -20.93
CA GLN A 130 13.05 -5.45 -21.41
C GLN A 130 12.82 -4.43 -20.31
N LEU A 131 12.68 -4.88 -19.06
CA LEU A 131 12.58 -3.94 -17.95
C LEU A 131 13.84 -3.08 -17.86
N PHE A 132 15.01 -3.72 -17.85
CA PHE A 132 16.24 -2.95 -17.70
C PHE A 132 16.41 -1.97 -18.86
N ARG A 133 16.05 -2.41 -20.07
CA ARG A 133 16.22 -1.54 -21.23
C ARG A 133 15.37 -0.29 -21.09
N SER A 134 14.14 -0.42 -20.58
CA SER A 134 13.26 0.71 -20.39
C SER A 134 13.73 1.60 -19.25
N LEU A 135 14.36 1.01 -18.21
CA LEU A 135 14.97 1.83 -17.17
C LEU A 135 16.16 2.62 -17.70
N ALA A 136 17.00 1.99 -18.53
CA ALA A 136 18.12 2.72 -19.14
C ALA A 136 17.60 3.93 -19.93
N TYR A 137 16.51 3.75 -20.66
CA TYR A 137 15.93 4.84 -21.42
C TYR A 137 15.45 5.97 -20.52
N ILE A 138 14.63 5.67 -19.51
CA ILE A 138 14.11 6.78 -18.71
C ILE A 138 15.20 7.39 -17.85
N HIS A 139 16.20 6.61 -17.44
CA HIS A 139 17.24 7.16 -16.58
C HIS A 139 18.16 8.08 -17.36
N SER A 140 18.37 7.79 -18.64
CA SER A 140 19.09 8.71 -19.52
C SER A 140 18.45 10.09 -19.55
N PHE A 141 17.16 10.18 -19.29
CA PHE A 141 16.49 11.47 -19.11
C PHE A 141 16.48 11.91 -17.66
N GLY A 142 17.12 11.14 -16.76
CA GLY A 142 17.05 11.44 -15.34
C GLY A 142 15.69 11.26 -14.71
N ILE A 143 14.76 10.59 -15.39
CA ILE A 143 13.46 10.31 -14.82
C ILE A 143 13.56 8.98 -14.07
N CYS A 144 13.21 9.01 -12.78
CA CYS A 144 13.13 7.81 -11.98
C CYS A 144 11.66 7.39 -11.83
N HIS A 145 11.40 6.09 -11.96
CA HIS A 145 10.03 5.63 -12.05
C HIS A 145 9.37 5.64 -10.68
N ARG A 146 10.16 5.23 -9.69
CA ARG A 146 9.82 5.16 -8.28
C ARG A 146 8.67 4.20 -7.99
N ASP A 147 8.33 3.31 -8.92
CA ASP A 147 7.28 2.33 -8.63
C ASP A 147 7.44 1.07 -9.49
N ILE A 148 8.67 0.60 -9.67
CA ILE A 148 8.87 -0.70 -10.29
C ILE A 148 8.30 -1.77 -9.37
N LYS A 149 7.29 -2.48 -9.87
CA LYS A 149 6.71 -3.66 -9.24
C LYS A 149 6.08 -4.54 -10.32
N PRO A 150 5.82 -5.80 -10.03
CA PRO A 150 5.27 -6.71 -11.07
C PRO A 150 3.94 -6.26 -11.64
N GLN A 151 3.14 -5.54 -10.83
CA GLN A 151 1.88 -5.04 -11.32
C GLN A 151 2.05 -3.94 -12.37
N ASN A 152 3.21 -3.29 -12.45
CA ASN A 152 3.40 -2.20 -13.40
C ASN A 152 4.22 -2.64 -14.61
N LEU A 153 4.37 -3.95 -14.82
CA LEU A 153 5.02 -4.49 -16.01
C LEU A 153 3.95 -5.19 -16.84
N LEU A 154 3.61 -4.62 -17.98
CA LEU A 154 2.62 -5.23 -18.85
C LEU A 154 3.22 -6.15 -19.86
N LEU A 155 2.44 -7.12 -20.28
CA LEU A 155 2.89 -8.16 -21.14
C LEU A 155 1.92 -8.42 -22.25
N ASP A 156 2.39 -8.46 -23.48
CA ASP A 156 1.63 -9.22 -24.48
C ASP A 156 2.09 -10.67 -24.37
N PRO A 157 1.22 -11.60 -23.99
CA PRO A 157 1.67 -13.01 -23.87
C PRO A 157 2.04 -13.68 -25.19
N ASP A 158 1.53 -13.21 -26.35
CA ASP A 158 1.87 -13.86 -27.61
C ASP A 158 3.20 -13.37 -28.17
N THR A 159 3.48 -12.07 -28.01
CA THR A 159 4.74 -11.50 -28.49
C THR A 159 5.82 -11.43 -27.42
N ALA A 160 5.48 -11.73 -26.17
CA ALA A 160 6.40 -11.60 -25.05
C ALA A 160 6.98 -10.20 -24.92
N VAL A 161 6.35 -9.19 -25.51
CA VAL A 161 6.74 -7.80 -25.29
C VAL A 161 6.30 -7.36 -23.89
N LEU A 162 7.17 -6.63 -23.21
CA LEU A 162 6.89 -6.02 -21.91
C LEU A 162 6.86 -4.50 -22.06
N LYS A 163 5.98 -3.83 -21.31
CA LYS A 163 5.95 -2.37 -21.29
C LYS A 163 5.80 -1.87 -19.87
N LEU A 164 6.64 -0.92 -19.49
CA LEU A 164 6.49 -0.22 -18.21
C LEU A 164 5.28 0.70 -18.27
N CYS A 165 4.52 0.74 -17.19
CA CYS A 165 3.39 1.65 -17.11
C CYS A 165 3.30 2.22 -15.69
N ASP A 166 2.24 3.00 -15.46
CA ASP A 166 1.99 3.75 -14.22
C ASP A 166 3.15 4.67 -13.88
N PHE A 167 3.15 5.86 -14.51
CA PHE A 167 4.13 6.90 -14.23
C PHE A 167 3.63 7.91 -13.19
N GLY A 168 2.66 7.52 -12.37
CA GLY A 168 2.10 8.31 -11.27
C GLY A 168 3.08 8.69 -10.15
N SER A 169 4.23 8.04 -10.04
CA SER A 169 5.27 8.37 -9.08
C SER A 169 6.55 8.81 -9.76
N ALA A 170 6.64 8.66 -11.08
CA ALA A 170 7.79 9.14 -11.82
C ALA A 170 8.09 10.59 -11.46
N LYS A 171 9.38 10.89 -11.30
CA LYS A 171 9.83 12.25 -11.13
C LYS A 171 11.15 12.41 -11.86
N GLN A 172 11.30 13.56 -12.51
CA GLN A 172 12.59 14.00 -13.03
C GLN A 172 13.42 14.52 -11.85
N LEU A 173 14.47 13.79 -11.49
CA LEU A 173 15.26 14.15 -10.34
C LEU A 173 16.31 15.18 -10.72
N VAL A 174 16.24 16.34 -10.04
CA VAL A 174 17.28 17.36 -10.10
C VAL A 174 18.22 17.14 -8.92
N ARG A 175 19.51 17.34 -9.16
CA ARG A 175 20.48 17.27 -8.08
C ARG A 175 20.34 18.52 -7.22
N GLY A 176 20.05 18.33 -5.94
CA GLY A 176 19.80 19.45 -5.05
C GLY A 176 18.43 19.39 -4.39
N GLU A 177 17.37 19.43 -5.19
CA GLU A 177 16.03 19.41 -4.63
C GLU A 177 15.72 18.04 -4.00
N PRO A 178 15.14 18.01 -2.80
CA PRO A 178 14.86 16.73 -2.15
C PRO A 178 13.63 16.05 -2.72
N ASN A 179 13.54 14.76 -2.44
CA ASN A 179 12.42 13.93 -2.84
C ASN A 179 11.90 13.18 -1.62
N VAL A 180 10.59 12.93 -1.61
CA VAL A 180 9.98 12.23 -0.50
C VAL A 180 10.50 10.80 -0.44
N SER A 181 10.65 10.26 0.78
CA SER A 181 11.30 8.95 0.94
C SER A 181 10.34 7.76 0.99
N PTR A 182 9.12 7.98 1.47
CA PTR A 182 8.12 6.94 1.52
C PTR A 182 7.50 6.67 0.15
O PTR A 182 6.32 6.93 -0.08
CB PTR A 182 6.99 7.32 2.48
CG PTR A 182 6.15 6.14 2.90
CD1 PTR A 182 6.69 5.14 3.70
CD2 PTR A 182 4.83 6.03 2.50
CE1 PTR A 182 5.93 4.05 4.08
CE2 PTR A 182 4.05 4.95 2.88
CZ PTR A 182 4.61 3.97 3.67
OH PTR A 182 3.89 2.95 4.05
P PTR A 182 4.00 1.55 3.30
O1P PTR A 182 3.99 1.71 1.74
O2P PTR A 182 5.26 0.85 3.69
O3P PTR A 182 2.75 0.75 3.71
N ILE A 183 8.32 6.12 -0.74
CA ILE A 183 7.99 5.97 -2.16
C ILE A 183 8.24 4.51 -2.53
N CYS A 184 7.76 4.09 -3.71
CA CYS A 184 7.73 2.70 -4.18
CA CYS A 184 7.78 2.68 -4.14
C CYS A 184 6.84 1.85 -3.29
N SER A 185 6.35 0.75 -3.81
CA SER A 185 5.63 -0.18 -2.97
C SER A 185 6.64 -0.79 -2.01
N ARG A 186 6.24 -0.87 -0.73
CA ARG A 186 6.99 -1.45 0.37
C ARG A 186 7.93 -2.58 -0.04
N TYR A 187 7.37 -3.64 -0.63
CA TYR A 187 8.18 -4.80 -1.00
C TYR A 187 9.37 -4.43 -1.87
N TYR A 188 9.23 -3.44 -2.75
CA TYR A 188 10.26 -3.13 -3.73
C TYR A 188 11.06 -1.90 -3.37
N ARG A 189 10.81 -1.34 -2.18
CA ARG A 189 11.41 -0.11 -1.71
C ARG A 189 12.90 -0.29 -1.35
N ALA A 190 13.77 0.50 -1.97
CA ALA A 190 15.20 0.40 -1.74
C ALA A 190 15.56 0.79 -0.29
N PRO A 191 16.69 0.30 0.22
CA PRO A 191 16.99 0.50 1.65
C PRO A 191 17.32 1.94 2.02
N GLU A 192 17.88 2.75 1.11
CA GLU A 192 18.13 4.15 1.44
C GLU A 192 16.83 4.93 1.67
N LEU A 193 15.76 4.60 0.94
CA LEU A 193 14.46 5.21 1.21
C LEU A 193 13.95 4.87 2.58
N ILE A 194 14.21 3.66 3.08
CA ILE A 194 13.69 3.26 4.38
C ILE A 194 14.43 3.98 5.50
N PHE A 195 15.71 4.29 5.29
CA PHE A 195 16.50 5.18 6.11
C PHE A 195 16.13 6.65 5.90
N GLY A 196 15.08 6.93 5.12
CA GLY A 196 14.61 8.29 4.92
C GLY A 196 15.44 9.18 4.03
N ALA A 197 16.26 8.63 3.13
CA ALA A 197 16.99 9.48 2.20
C ALA A 197 16.04 10.42 1.47
N THR A 198 16.56 11.56 1.02
CA THR A 198 15.78 12.50 0.22
C THR A 198 16.51 12.92 -1.03
N ASP A 199 17.80 12.65 -1.14
CA ASP A 199 18.55 12.94 -2.35
C ASP A 199 19.08 11.65 -2.97
N TYR A 200 18.23 10.63 -3.07
CA TYR A 200 18.60 9.37 -3.70
C TYR A 200 18.69 9.52 -5.22
N THR A 201 19.26 8.50 -5.85
CA THR A 201 19.46 8.44 -7.29
C THR A 201 18.39 7.55 -7.94
N SER A 202 18.53 7.36 -9.25
CA SER A 202 17.64 6.44 -9.95
C SER A 202 17.98 4.98 -9.64
N SER A 203 19.01 4.73 -8.84
CA SER A 203 19.33 3.35 -8.50
C SER A 203 18.27 2.74 -7.61
N ILE A 204 17.36 3.53 -7.04
CA ILE A 204 16.26 2.93 -6.31
C ILE A 204 15.46 2.02 -7.25
N ASP A 205 15.33 2.44 -8.52
CA ASP A 205 14.58 1.65 -9.50
C ASP A 205 15.28 0.33 -9.76
N VAL A 206 16.61 0.37 -9.84
CA VAL A 206 17.42 -0.82 -10.03
C VAL A 206 17.29 -1.76 -8.85
N TRP A 207 17.35 -1.23 -7.62
CA TRP A 207 16.97 -2.05 -6.48
C TRP A 207 15.65 -2.75 -6.77
N SER A 208 14.63 -1.96 -7.17
CA SER A 208 13.30 -2.56 -7.29
C SER A 208 13.29 -3.66 -8.34
N ALA A 209 14.08 -3.49 -9.42
CA ALA A 209 14.17 -4.51 -10.45
C ALA A 209 14.78 -5.80 -9.89
N GLY A 210 15.80 -5.66 -9.03
CA GLY A 210 16.35 -6.83 -8.38
C GLY A 210 15.32 -7.56 -7.53
N CYS A 211 14.46 -6.81 -6.83
CA CYS A 211 13.35 -7.43 -6.09
C CYS A 211 12.42 -8.20 -7.02
N VAL A 212 12.19 -7.66 -8.22
CA VAL A 212 11.34 -8.34 -9.19
C VAL A 212 12.02 -9.61 -9.71
N LEU A 213 13.27 -9.50 -10.15
CA LEU A 213 14.07 -10.66 -10.52
C LEU A 213 14.01 -11.73 -9.45
N ALA A 214 14.43 -11.38 -8.24
CA ALA A 214 14.44 -12.36 -7.15
C ALA A 214 13.06 -12.97 -6.98
N GLU A 215 11.99 -12.16 -7.05
CA GLU A 215 10.65 -12.74 -6.90
C GLU A 215 10.35 -13.76 -8.01
N LEU A 216 10.70 -13.44 -9.25
CA LEU A 216 10.42 -14.38 -10.35
C LEU A 216 11.13 -15.71 -10.15
N LEU A 217 12.34 -15.71 -9.58
CA LEU A 217 13.04 -16.96 -9.29
C LEU A 217 12.45 -17.69 -8.09
N LEU A 218 12.00 -16.96 -7.06
CA LEU A 218 11.55 -17.63 -5.86
C LEU A 218 10.08 -18.03 -5.92
N GLY A 219 9.30 -17.46 -6.83
CA GLY A 219 7.88 -17.66 -6.77
C GLY A 219 7.17 -16.91 -5.66
N GLN A 220 7.81 -15.93 -5.04
CA GLN A 220 7.21 -15.08 -4.02
C GLN A 220 8.14 -13.87 -3.75
N PRO A 221 7.61 -12.80 -3.16
CA PRO A 221 8.46 -11.67 -2.78
C PRO A 221 9.67 -12.11 -1.99
N ILE A 222 10.84 -11.54 -2.28
CA ILE A 222 12.00 -11.91 -1.47
C ILE A 222 12.02 -11.15 -0.15
N PHE A 223 11.57 -9.90 -0.14
CA PHE A 223 11.57 -9.07 1.08
C PHE A 223 10.15 -8.63 1.41
N PRO A 224 9.35 -9.51 2.04
CA PRO A 224 7.94 -9.15 2.37
C PRO A 224 7.76 -8.48 3.74
N GLY A 225 8.12 -7.20 3.82
CA GLY A 225 7.90 -6.45 5.05
C GLY A 225 6.42 -6.31 5.36
N ASP A 226 6.12 -6.31 6.65
CA ASP A 226 4.75 -6.05 7.06
C ASP A 226 4.51 -4.58 7.40
N SER A 227 5.57 -3.77 7.36
CA SER A 227 5.46 -2.33 7.58
C SER A 227 6.61 -1.65 6.88
N GLY A 228 6.51 -0.33 6.72
CA GLY A 228 7.58 0.43 6.09
C GLY A 228 8.92 0.32 6.80
N VAL A 229 8.90 -0.05 8.08
CA VAL A 229 10.11 -0.16 8.87
C VAL A 229 10.59 -1.60 8.96
N ASP A 230 9.66 -2.55 9.08
CA ASP A 230 10.01 -3.97 9.09
C ASP A 230 10.45 -4.47 7.72
N GLN A 231 10.17 -3.69 6.66
CA GLN A 231 10.81 -3.94 5.38
C GLN A 231 12.32 -4.05 5.55
N LEU A 232 12.92 -3.08 6.26
CA LEU A 232 14.37 -3.08 6.44
C LEU A 232 14.83 -4.34 7.15
N VAL A 233 14.02 -4.85 8.08
CA VAL A 233 14.38 -6.06 8.80
C VAL A 233 14.40 -7.25 7.85
N GLU A 234 13.34 -7.37 7.03
CA GLU A 234 13.30 -8.44 6.03
C GLU A 234 14.51 -8.40 5.11
N ILE A 235 14.97 -7.19 4.76
CA ILE A 235 16.18 -7.05 3.97
C ILE A 235 17.39 -7.58 4.73
N ILE A 236 17.51 -7.20 6.00
CA ILE A 236 18.69 -7.56 6.78
C ILE A 236 18.76 -9.07 6.96
N LYS A 237 17.61 -9.73 7.04
CA LYS A 237 17.57 -11.18 7.13
C LYS A 237 18.16 -11.90 5.92
N VAL A 238 18.58 -11.16 4.89
CA VAL A 238 19.15 -11.77 3.69
C VAL A 238 20.52 -11.15 3.42
N LEU A 239 20.56 -9.82 3.40
CA LEU A 239 21.80 -9.10 3.11
C LEU A 239 22.66 -8.90 4.34
N GLY A 240 22.11 -9.14 5.53
CA GLY A 240 22.82 -8.87 6.77
C GLY A 240 22.69 -7.43 7.20
N THR A 241 23.10 -7.20 8.45
CA THR A 241 23.17 -5.84 8.97
C THR A 241 24.08 -4.98 8.08
N PRO A 242 23.64 -3.80 7.69
CA PRO A 242 24.50 -2.93 6.87
C PRO A 242 25.62 -2.33 7.70
N THR A 243 26.84 -2.38 7.17
CA THR A 243 27.97 -1.71 7.83
C THR A 243 27.70 -0.22 7.92
N ARG A 244 28.27 0.41 8.94
CA ARG A 244 28.04 1.84 9.13
C ARG A 244 28.47 2.64 7.90
N GLU A 245 29.48 2.18 7.17
CA GLU A 245 29.84 2.86 5.93
C GLU A 245 28.78 2.67 4.86
N GLN A 246 28.08 1.53 4.88
CA GLN A 246 26.96 1.34 3.97
C GLN A 246 25.77 2.22 4.36
N ILE A 247 25.56 2.40 5.67
CA ILE A 247 24.52 3.35 6.11
C ILE A 247 24.94 4.77 5.81
N ARG A 248 26.24 5.03 5.70
CA ARG A 248 26.70 6.36 5.36
CA ARG A 248 26.71 6.36 5.36
C ARG A 248 26.30 6.76 3.95
N GLU A 249 26.34 5.80 3.01
CA GLU A 249 26.07 6.10 1.61
C GLU A 249 24.61 5.94 1.20
N MET A 250 23.74 5.52 2.11
CA MET A 250 22.32 5.57 1.79
C MET A 250 21.76 6.97 2.03
N ASN A 251 21.94 7.52 3.23
CA ASN A 251 21.73 8.95 3.48
C ASN A 251 22.72 9.34 4.58
N PRO A 252 23.42 10.47 4.43
CA PRO A 252 24.48 10.79 5.40
C PRO A 252 23.95 11.21 6.77
N ASN A 253 22.75 11.77 6.85
CA ASN A 253 22.18 12.18 8.14
C ASN A 253 21.56 10.96 8.83
N TYR A 254 22.26 10.40 9.81
CA TYR A 254 21.93 9.09 10.36
C TYR A 254 20.58 9.03 11.06
N THR A 255 19.51 8.77 10.29
CA THR A 255 18.22 8.32 10.83
C THR A 255 18.20 6.80 10.97
N GLU A 256 19.19 6.27 11.67
CA GLU A 256 19.44 4.83 11.72
C GLU A 256 19.29 4.34 13.17
N PHE A 257 18.06 4.01 13.53
CA PHE A 257 17.65 3.90 14.89
C PHE A 257 16.97 2.57 15.23
N LYS A 258 17.54 1.45 14.80
CA LYS A 258 16.79 0.20 14.86
C LYS A 258 17.48 -1.10 15.31
N PHE A 259 18.14 -1.74 14.35
CA PHE A 259 18.37 -3.19 14.13
C PHE A 259 19.47 -3.90 14.89
N PRO A 260 19.48 -5.22 14.84
CA PRO A 260 20.59 -5.92 15.50
C PRO A 260 21.60 -6.50 14.50
N GLN A 261 22.45 -7.42 14.96
CA GLN A 261 23.52 -7.99 14.14
C GLN A 261 23.13 -9.35 13.59
N ILE A 262 23.23 -9.49 12.27
CA ILE A 262 22.79 -10.68 11.54
C ILE A 262 23.74 -10.89 10.38
N LYS A 263 24.49 -11.98 10.40
CA LYS A 263 25.35 -12.33 9.27
C LYS A 263 24.52 -12.44 7.99
N ALA A 264 25.15 -12.13 6.87
CA ALA A 264 24.48 -12.30 5.59
C ALA A 264 24.13 -13.75 5.38
N HIS A 265 22.96 -13.98 4.80
CA HIS A 265 22.53 -15.32 4.46
C HIS A 265 23.08 -15.67 3.08
N PRO A 266 23.84 -16.76 2.93
CA PRO A 266 24.51 -17.03 1.65
C PRO A 266 23.57 -16.91 0.45
N TRP A 267 24.00 -16.16 -0.57
CA TRP A 267 23.13 -15.94 -1.73
C TRP A 267 22.70 -17.24 -2.40
N THR A 268 23.45 -18.31 -2.21
CA THR A 268 23.12 -19.55 -2.88
C THR A 268 22.02 -20.29 -2.16
N LYS A 269 21.94 -20.12 -0.84
CA LYS A 269 20.92 -20.78 -0.04
C LYS A 269 19.57 -20.06 -0.07
N VAL A 270 19.54 -18.77 -0.40
CA VAL A 270 18.26 -18.07 -0.41
C VAL A 270 17.40 -18.49 -1.62
N PHE A 271 18.02 -18.87 -2.73
CA PHE A 271 17.24 -19.40 -3.84
C PHE A 271 17.21 -20.91 -3.82
N ARG A 272 16.32 -21.47 -4.63
CA ARG A 272 16.16 -22.91 -4.76
C ARG A 272 17.34 -23.53 -5.50
N PRO A 273 17.54 -24.85 -5.35
CA PRO A 273 18.82 -25.43 -5.83
C PRO A 273 18.98 -25.39 -7.34
N ARG A 274 17.92 -25.60 -8.10
CA ARG A 274 18.06 -25.62 -9.55
C ARG A 274 17.98 -24.23 -10.18
N THR A 275 18.31 -23.15 -9.39
CA THR A 275 18.35 -21.78 -9.88
C THR A 275 19.63 -21.55 -10.69
N PRO A 276 19.53 -20.92 -11.85
CA PRO A 276 20.75 -20.62 -12.64
C PRO A 276 21.71 -19.76 -11.84
N PRO A 277 23.00 -20.08 -11.87
CA PRO A 277 23.99 -19.25 -11.14
C PRO A 277 24.14 -17.86 -11.71
N GLU A 278 23.98 -17.67 -13.01
CA GLU A 278 24.01 -16.31 -13.55
C GLU A 278 22.84 -15.49 -13.01
N ALA A 279 21.68 -16.11 -12.79
CA ALA A 279 20.56 -15.37 -12.22
C ALA A 279 20.93 -14.80 -10.85
N ILE A 280 21.37 -15.69 -9.94
CA ILE A 280 21.82 -15.27 -8.61
C ILE A 280 22.85 -14.14 -8.72
N ALA A 281 23.82 -14.29 -9.62
CA ALA A 281 24.88 -13.31 -9.71
C ALA A 281 24.35 -11.95 -10.13
N LEU A 282 23.38 -11.92 -11.05
CA LEU A 282 22.76 -10.64 -11.41
C LEU A 282 21.99 -10.08 -10.23
N CYS A 283 21.20 -10.92 -9.58
CA CYS A 283 20.54 -10.53 -8.33
C CYS A 283 21.52 -9.95 -7.32
N SER A 284 22.67 -10.61 -7.12
CA SER A 284 23.58 -10.16 -6.08
C SER A 284 24.15 -8.77 -6.35
N ARG A 285 24.14 -8.29 -7.60
CA ARG A 285 24.66 -6.97 -7.95
C ARG A 285 23.55 -5.94 -8.15
N LEU A 286 22.30 -6.34 -8.03
CA LEU A 286 21.23 -5.38 -8.02
C LEU A 286 20.88 -4.96 -6.60
N LEU A 287 20.68 -5.94 -5.71
CA LEU A 287 20.28 -5.66 -4.33
C LEU A 287 21.52 -5.57 -3.45
N GLU A 288 22.30 -4.56 -3.72
CA GLU A 288 23.38 -4.17 -2.83
C GLU A 288 22.95 -2.94 -2.07
N TYR A 289 23.42 -2.84 -0.83
CA TYR A 289 23.05 -1.73 0.05
C TYR A 289 23.45 -0.40 -0.53
N THR A 290 24.76 -0.20 -0.70
CA THR A 290 25.40 0.95 -1.33
C THR A 290 24.81 1.30 -2.70
N PRO A 291 24.07 2.41 -2.82
CA PRO A 291 23.36 2.70 -4.08
C PRO A 291 24.25 2.83 -5.31
N THR A 292 25.44 3.39 -5.17
CA THR A 292 26.41 3.47 -6.25
C THR A 292 27.05 2.14 -6.58
N ALA A 293 26.76 1.09 -5.83
CA ALA A 293 27.32 -0.21 -6.15
C ALA A 293 26.44 -1.02 -7.08
N ARG A 294 25.14 -0.74 -7.13
CA ARG A 294 24.24 -1.45 -8.03
C ARG A 294 24.64 -1.20 -9.49
N LEU A 295 24.42 -2.21 -10.32
CA LEU A 295 24.57 -2.07 -11.75
C LEU A 295 23.59 -1.02 -12.27
N THR A 296 24.03 -0.29 -13.30
CA THR A 296 23.12 0.53 -14.08
C THR A 296 22.25 -0.38 -14.95
N PRO A 297 21.09 0.11 -15.38
CA PRO A 297 20.21 -0.73 -16.20
C PRO A 297 20.89 -1.19 -17.48
N LEU A 298 21.77 -0.35 -18.02
CA LEU A 298 22.46 -0.72 -19.26
C LEU A 298 23.47 -1.83 -19.01
N GLU A 299 24.15 -1.81 -17.86
CA GLU A 299 25.08 -2.89 -17.57
C GLU A 299 24.33 -4.18 -17.28
N ALA A 300 23.18 -4.09 -16.62
CA ALA A 300 22.41 -5.31 -16.37
C ALA A 300 21.95 -5.92 -17.68
N CYS A 301 21.66 -5.08 -18.66
CA CYS A 301 21.35 -5.56 -19.99
C CYS A 301 22.51 -6.36 -20.55
N ALA A 302 23.74 -5.87 -20.36
CA ALA A 302 24.95 -6.55 -20.81
C ALA A 302 25.30 -7.79 -19.98
N HIS A 303 24.59 -8.06 -18.88
CA HIS A 303 24.96 -9.16 -18.01
C HIS A 303 24.83 -10.52 -18.70
N SER A 304 25.69 -11.46 -18.31
CA SER A 304 25.75 -12.79 -18.92
CA SER A 304 25.73 -12.75 -18.99
C SER A 304 24.46 -13.56 -18.76
N PHE A 305 23.60 -13.15 -17.83
CA PHE A 305 22.30 -13.80 -17.69
C PHE A 305 21.48 -13.72 -18.97
N PHE A 306 21.74 -12.73 -19.81
CA PHE A 306 20.95 -12.49 -21.01
C PHE A 306 21.68 -12.91 -22.29
N ASP A 307 22.69 -13.76 -22.17
CA ASP A 307 23.41 -14.23 -23.35
C ASP A 307 22.52 -15.06 -24.26
N GLU A 308 21.65 -15.90 -23.67
CA GLU A 308 20.70 -16.65 -24.50
C GLU A 308 19.87 -15.72 -25.38
N LEU A 309 19.50 -14.53 -24.87
CA LEU A 309 18.76 -13.57 -25.69
C LEU A 309 19.61 -12.98 -26.81
N ARG A 310 20.93 -13.12 -26.76
CA ARG A 310 21.78 -12.58 -27.81
C ARG A 310 22.19 -13.63 -28.84
N ASP A 311 21.85 -14.90 -28.59
CA ASP A 311 22.07 -15.95 -29.56
C ASP A 311 21.27 -15.66 -30.82
N PRO A 312 21.73 -16.10 -32.00
CA PRO A 312 20.92 -15.94 -33.21
C PRO A 312 19.79 -16.96 -33.35
N ASN A 313 19.83 -18.06 -32.61
CA ASN A 313 18.86 -19.15 -32.76
C ASN A 313 17.66 -19.05 -31.83
N VAL A 314 17.42 -17.91 -31.22
CA VAL A 314 16.47 -17.80 -30.12
C VAL A 314 15.08 -17.55 -30.67
N LYS A 315 14.13 -18.37 -30.22
CA LYS A 315 12.73 -18.15 -30.51
C LYS A 315 11.92 -18.37 -29.23
N LEU A 316 10.82 -17.65 -29.11
CA LEU A 316 9.93 -17.83 -27.98
C LEU A 316 9.46 -19.29 -27.90
N PRO A 317 9.08 -19.74 -26.70
CA PRO A 317 8.63 -21.12 -26.54
C PRO A 317 7.45 -21.49 -27.40
N ASN A 318 6.70 -20.51 -27.90
CA ASN A 318 5.59 -20.79 -28.77
C ASN A 318 6.01 -20.81 -30.24
N GLY A 319 7.31 -20.82 -30.50
CA GLY A 319 7.83 -20.93 -31.85
C GLY A 319 8.11 -19.61 -32.56
N ARG A 320 7.50 -18.50 -32.11
CA ARG A 320 7.68 -17.21 -32.76
C ARG A 320 9.05 -16.63 -32.41
N ASP A 321 9.40 -15.54 -33.08
CA ASP A 321 10.68 -14.93 -32.80
C ASP A 321 10.57 -13.94 -31.63
N THR A 322 11.70 -13.75 -30.96
CA THR A 322 11.77 -12.79 -29.89
C THR A 322 11.43 -11.39 -30.39
N PRO A 323 10.89 -10.52 -29.53
CA PRO A 323 10.83 -9.09 -29.87
C PRO A 323 12.21 -8.52 -30.16
N ALA A 324 12.26 -7.24 -30.52
CA ALA A 324 13.50 -6.63 -30.97
C ALA A 324 14.28 -6.18 -29.75
N LEU A 325 15.33 -6.92 -29.41
CA LEU A 325 16.08 -6.64 -28.20
C LEU A 325 17.29 -5.75 -28.44
N PHE A 326 17.62 -5.44 -29.70
CA PHE A 326 18.88 -4.78 -30.01
C PHE A 326 18.74 -3.43 -30.69
N ASN A 327 17.53 -2.98 -31.00
CA ASN A 327 17.35 -1.75 -31.77
C ASN A 327 17.69 -0.52 -30.94
N PHE A 328 18.90 -0.50 -30.41
CA PHE A 328 19.28 0.51 -29.43
C PHE A 328 19.45 1.88 -30.07
N THR A 329 18.98 2.91 -29.37
CA THR A 329 19.24 4.28 -29.81
C THR A 329 20.43 4.86 -29.05
N THR A 330 20.99 5.93 -29.61
CA THR A 330 22.09 6.63 -28.98
C THR A 330 21.72 7.11 -27.57
N GLN A 331 20.44 7.41 -27.35
CA GLN A 331 20.02 7.83 -26.02
C GLN A 331 20.12 6.68 -25.02
N GLU A 332 19.65 5.49 -25.40
CA GLU A 332 19.77 4.33 -24.51
C GLU A 332 21.22 4.05 -24.14
N LEU A 333 22.13 4.19 -25.09
CA LEU A 333 23.52 3.87 -24.82
C LEU A 333 24.32 5.00 -24.19
N SER A 334 23.68 6.14 -23.89
CA SER A 334 24.45 7.34 -23.55
C SER A 334 25.29 7.16 -22.28
N SER A 335 24.84 6.34 -21.32
CA SER A 335 25.57 6.17 -20.06
C SER A 335 26.88 5.41 -20.23
N ASN A 336 27.04 4.65 -21.32
CA ASN A 336 28.20 3.81 -21.53
C ASN A 336 28.19 3.24 -22.95
N PRO A 337 28.41 4.08 -23.96
CA PRO A 337 28.29 3.62 -25.36
C PRO A 337 29.10 2.37 -25.66
N PRO A 338 30.36 2.25 -25.17
CA PRO A 338 31.13 1.02 -25.46
C PRO A 338 30.43 -0.28 -25.11
N LEU A 339 29.29 -0.21 -24.39
CA LEU A 339 28.53 -1.43 -24.14
C LEU A 339 27.88 -1.98 -25.41
N ALA A 340 27.70 -1.12 -26.42
CA ALA A 340 27.05 -1.52 -27.68
C ALA A 340 27.66 -2.80 -28.25
N THR A 341 28.97 -2.97 -28.10
CA THR A 341 29.60 -4.15 -28.68
C THR A 341 29.04 -5.43 -28.08
N ILE A 342 28.62 -5.39 -26.82
CA ILE A 342 27.98 -6.55 -26.20
C ILE A 342 26.48 -6.54 -26.47
N LEU A 343 25.86 -5.37 -26.42
CA LEU A 343 24.40 -5.29 -26.46
C LEU A 343 23.86 -5.58 -27.86
N ILE A 344 24.58 -5.14 -28.89
CA ILE A 344 24.18 -5.39 -30.27
C ILE A 344 25.05 -6.52 -30.83
N PRO A 345 24.60 -7.76 -30.81
CA PRO A 345 25.45 -8.86 -31.24
C PRO A 345 25.77 -8.74 -32.72
N PRO A 346 26.81 -9.44 -33.21
CA PRO A 346 27.19 -9.26 -34.61
C PRO A 346 26.09 -9.60 -35.60
N HIS A 347 25.35 -10.68 -35.37
CA HIS A 347 24.29 -11.10 -36.29
C HIS A 347 23.13 -10.12 -36.35
N ALA A 348 23.28 -8.95 -35.75
CA ALA A 348 22.19 -7.98 -35.77
C ALA A 348 22.71 -6.55 -35.95
N ARG A 349 23.81 -6.39 -36.70
CA ARG A 349 24.46 -5.09 -36.88
C ARG A 349 24.21 -4.60 -38.31
N ILE A 350 23.16 -3.80 -38.46
CA ILE A 350 22.68 -3.31 -39.77
C ILE A 350 22.59 -4.45 -40.78
N SER B 1 22.32 6.27 25.18
CA SER B 1 21.38 6.52 26.27
C SER B 1 21.30 8.00 26.64
N LYS B 2 20.94 8.83 25.66
CA LYS B 2 20.80 10.27 25.85
C LYS B 2 19.37 10.63 26.27
N VAL B 3 19.19 11.85 26.74
CA VAL B 3 17.91 12.33 27.26
C VAL B 3 17.50 13.59 26.50
N THR B 4 16.29 13.58 25.94
CA THR B 4 15.73 14.68 25.18
C THR B 4 14.64 15.34 26.01
N THR B 5 14.69 16.67 26.08
CA THR B 5 13.72 17.46 26.85
C THR B 5 13.08 18.50 25.96
N VAL B 6 11.76 18.46 25.87
CA VAL B 6 10.97 19.32 24.99
C VAL B 6 9.81 19.88 25.79
N VAL B 7 9.26 20.99 25.28
CA VAL B 7 8.09 21.64 25.87
C VAL B 7 6.85 21.05 25.22
N ALA B 8 6.02 20.36 26.01
CA ALA B 8 4.93 19.55 25.48
C ALA B 8 3.59 20.09 25.95
N THR B 9 2.87 20.72 25.04
CA THR B 9 1.44 20.97 25.24
C THR B 9 0.74 19.65 25.54
N PRO B 10 -0.14 19.62 26.55
CA PRO B 10 -0.66 18.33 27.05
C PRO B 10 -1.77 17.70 26.22
N GLY B 11 -2.13 18.24 25.06
CA GLY B 11 -3.11 17.54 24.24
C GLY B 11 -4.53 17.73 24.71
N GLN B 12 -5.18 16.65 25.18
CA GLN B 12 -6.57 16.75 25.58
C GLN B 12 -6.76 17.74 26.72
N GLY B 13 -5.81 17.78 27.65
CA GLY B 13 -5.94 18.58 28.85
C GLY B 13 -5.86 20.07 28.59
N PRO B 14 -5.65 20.86 29.64
CA PRO B 14 -5.61 22.31 29.48
C PRO B 14 -4.35 22.74 28.73
N ASP B 15 -4.41 23.94 28.18
CA ASP B 15 -3.42 24.41 27.23
C ASP B 15 -2.18 25.00 27.89
N ARG B 16 -1.55 24.32 28.84
CA ARG B 16 -0.31 24.83 29.43
C ARG B 16 0.87 23.91 29.12
N PRO B 17 1.79 24.34 28.24
CA PRO B 17 2.91 23.48 27.88
C PRO B 17 3.88 23.34 29.04
N GLN B 18 4.23 22.10 29.35
CA GLN B 18 5.22 21.79 30.37
C GLN B 18 6.39 21.05 29.76
N GLU B 19 7.49 21.00 30.51
CA GLU B 19 8.66 20.29 30.04
C GLU B 19 8.46 18.80 30.27
N VAL B 20 8.91 18.00 29.29
CA VAL B 20 8.78 16.55 29.26
C VAL B 20 10.11 15.99 28.79
N SER B 21 10.62 14.97 29.47
CA SER B 21 11.90 14.37 29.11
C SER B 21 11.74 12.88 28.81
N TYR B 22 12.41 12.42 27.76
CA TYR B 22 12.30 11.01 27.37
C TYR B 22 13.65 10.49 26.90
N THR B 23 13.75 9.17 26.83
CA THR B 23 15.00 8.55 26.49
C THR B 23 14.71 7.25 25.74
N ASP B 24 15.78 6.64 25.20
CA ASP B 24 15.72 5.33 24.52
C ASP B 24 14.82 5.36 23.28
N THR B 25 15.25 6.15 22.29
CA THR B 25 14.45 6.37 21.09
C THR B 25 14.87 5.39 20.00
N LYS B 26 13.91 4.57 19.54
CA LYS B 26 14.11 3.65 18.43
C LYS B 26 12.92 3.76 17.49
N VAL B 27 13.16 3.49 16.22
CA VAL B 27 12.10 3.61 15.22
C VAL B 27 11.23 2.37 15.29
N ILE B 28 9.91 2.57 15.19
CA ILE B 28 8.95 1.48 15.30
C ILE B 28 7.87 1.62 14.24
N GLY B 29 8.03 2.56 13.33
CA GLY B 29 7.02 2.78 12.33
C GLY B 29 7.47 3.88 11.41
N ASN B 30 6.67 4.09 10.35
CA ASN B 30 6.85 5.20 9.43
C ASN B 30 5.73 5.23 8.40
N GLY B 31 5.85 6.12 7.42
CA GLY B 31 4.80 6.35 6.48
C GLY B 31 5.03 7.67 5.78
N SER B 32 4.01 8.11 5.04
CA SER B 32 4.16 9.34 4.27
C SER B 32 4.22 10.55 5.19
N PHE B 33 3.51 10.50 6.33
CA PHE B 33 3.62 11.55 7.35
C PHE B 33 5.06 11.72 7.85
N GLY B 34 5.83 10.63 7.89
CA GLY B 34 7.13 10.63 8.55
C GLY B 34 7.40 9.35 9.34
N VAL B 35 7.92 9.48 10.55
CA VAL B 35 8.46 8.39 11.32
C VAL B 35 7.72 8.26 12.64
N VAL B 36 7.66 7.04 13.16
CA VAL B 36 7.14 6.78 14.51
C VAL B 36 8.26 6.18 15.34
N TYR B 37 8.38 6.65 16.58
CA TYR B 37 9.41 6.23 17.51
C TYR B 37 8.78 5.60 18.73
N GLN B 38 9.59 4.86 19.46
CA GLN B 38 9.27 4.44 20.82
C GLN B 38 10.21 5.17 21.77
N ALA B 39 9.68 5.69 22.87
CA ALA B 39 10.52 6.30 23.88
C ALA B 39 10.01 5.94 25.27
N LYS B 40 10.87 6.19 26.25
CA LYS B 40 10.55 6.03 27.67
C LYS B 40 10.50 7.40 28.32
N LEU B 41 9.37 7.73 28.94
CA LEU B 41 9.25 8.98 29.68
C LEU B 41 10.22 9.01 30.84
N CYS B 42 11.11 10.01 30.85
CA CYS B 42 12.16 10.02 31.85
C CYS B 42 11.64 10.32 33.24
N ASP B 43 10.35 10.67 33.37
CA ASP B 43 9.74 10.88 34.69
C ASP B 43 9.24 9.58 35.30
N SER B 44 8.30 8.91 34.63
CA SER B 44 7.69 7.69 35.15
C SER B 44 8.23 6.41 34.50
N GLY B 45 9.20 6.53 33.60
CA GLY B 45 9.75 5.35 32.95
C GLY B 45 8.71 4.63 32.10
N GLU B 46 7.59 5.27 31.85
CA GLU B 46 6.52 4.71 31.04
C GLU B 46 6.86 4.85 29.56
N LEU B 47 6.44 3.85 28.78
CA LEU B 47 6.71 3.84 27.34
C LEU B 47 5.65 4.62 26.58
N VAL B 48 6.10 5.45 25.63
CA VAL B 48 5.21 6.18 24.74
C VAL B 48 5.68 6.01 23.30
N ALA B 49 4.74 6.14 22.38
CA ALA B 49 5.07 6.29 20.97
C ALA B 49 5.13 7.78 20.65
N ILE B 50 6.02 8.15 19.72
CA ILE B 50 6.13 9.52 19.26
C ILE B 50 5.97 9.53 17.75
N LYS B 51 4.81 9.95 17.28
CA LYS B 51 4.52 10.08 15.86
C LYS B 51 4.95 11.46 15.39
N LYS B 52 6.02 11.52 14.59
CA LYS B 52 6.60 12.76 14.10
C LYS B 52 6.17 12.98 12.66
N VAL B 53 5.41 14.05 12.42
CA VAL B 53 4.85 14.32 11.10
C VAL B 53 5.34 15.69 10.65
N LEU B 54 5.60 15.81 9.36
CA LEU B 54 5.95 17.11 8.81
C LEU B 54 4.67 17.93 8.64
N GLN B 55 4.61 19.05 9.35
CA GLN B 55 3.47 19.97 9.28
C GLN B 55 3.86 21.22 8.52
N ASP B 56 2.99 21.67 7.63
CA ASP B 56 3.12 22.99 7.04
C ASP B 56 2.32 23.98 7.88
N LYS B 57 2.97 25.08 8.28
CA LYS B 57 2.34 26.00 9.23
C LYS B 57 1.12 26.70 8.65
N ARG B 58 1.01 26.79 7.33
CA ARG B 58 -0.09 27.51 6.70
C ARG B 58 -1.45 26.88 7.00
N PHE B 59 -1.49 25.61 7.43
CA PHE B 59 -2.75 24.92 7.68
C PHE B 59 -2.64 24.07 8.96
N LYS B 60 -3.79 23.78 9.53
CA LYS B 60 -3.86 22.98 10.74
C LYS B 60 -3.57 21.52 10.43
N ASN B 61 -3.39 20.73 11.49
CA ASN B 61 -3.23 19.29 11.37
C ASN B 61 -4.51 18.59 11.78
N ARG B 62 -5.11 17.89 10.84
CA ARG B 62 -6.39 17.24 11.08
C ARG B 62 -6.27 16.16 12.15
N GLU B 63 -5.14 15.44 12.18
CA GLU B 63 -4.98 14.37 13.15
C GLU B 63 -4.95 14.92 14.57
N LEU B 64 -4.13 15.95 14.79
CA LEU B 64 -4.02 16.64 16.07
C LEU B 64 -5.39 17.12 16.58
N GLN B 65 -6.09 17.90 15.77
CA GLN B 65 -7.39 18.40 16.21
CA GLN B 65 -7.39 18.40 16.20
C GLN B 65 -8.33 17.26 16.53
N ILE B 66 -8.23 16.15 15.79
CA ILE B 66 -9.07 14.99 16.05
C ILE B 66 -8.65 14.33 17.36
N MET B 67 -7.36 14.18 17.57
CA MET B 67 -6.88 13.44 18.74
C MET B 67 -7.08 14.21 20.04
N ARG B 68 -7.06 15.54 19.99
CA ARG B 68 -7.32 16.29 21.21
C ARG B 68 -8.72 16.00 21.74
N LYS B 69 -9.68 15.81 20.83
CA LYS B 69 -11.06 15.67 21.26
C LYS B 69 -11.35 14.34 21.93
N LEU B 70 -10.44 13.39 21.87
CA LEU B 70 -10.76 11.97 22.09
C LEU B 70 -10.10 11.46 23.38
N ASP B 71 -10.88 10.84 24.26
CA ASP B 71 -10.31 10.24 25.47
C ASP B 71 -11.13 9.00 25.83
N HIS B 72 -10.55 7.83 25.55
CA HIS B 72 -11.28 6.57 25.61
C HIS B 72 -10.27 5.44 25.76
N CYS B 73 -10.64 4.42 26.54
CA CYS B 73 -9.67 3.42 26.90
C CYS B 73 -9.36 2.46 25.76
N ASN B 74 -10.26 2.32 24.79
CA ASN B 74 -9.97 1.58 23.59
C ASN B 74 -9.40 2.45 22.48
N ILE B 75 -8.88 3.64 22.79
CA ILE B 75 -8.17 4.46 21.83
C ILE B 75 -6.86 4.95 22.45
N VAL B 76 -5.77 4.88 21.69
CA VAL B 76 -4.51 5.54 22.05
C VAL B 76 -4.76 6.95 22.54
N ARG B 77 -4.32 7.25 23.75
CA ARG B 77 -4.46 8.60 24.28
C ARG B 77 -3.31 9.45 23.81
N LEU B 78 -3.64 10.64 23.30
CA LEU B 78 -2.63 11.66 22.99
C LEU B 78 -2.20 12.29 24.33
N ARG B 79 -1.06 11.84 24.85
CA ARG B 79 -0.58 12.32 26.14
C ARG B 79 -0.11 13.76 26.09
N TYR B 80 0.63 14.12 25.03
CA TYR B 80 1.11 15.47 24.80
C TYR B 80 1.37 15.63 23.31
N PHE B 81 1.65 16.87 22.87
CA PHE B 81 2.24 17.10 21.55
C PHE B 81 3.24 18.24 21.63
N PHE B 82 4.13 18.30 20.65
CA PHE B 82 5.14 19.35 20.62
C PHE B 82 5.71 19.47 19.20
N TYR B 83 6.54 20.50 18.99
CA TYR B 83 7.09 20.86 17.70
C TYR B 83 8.61 20.81 17.74
N SER B 84 9.22 20.72 16.55
CA SER B 84 10.67 20.71 16.41
C SER B 84 11.04 21.02 14.97
N SER B 85 12.34 21.14 14.72
CA SER B 85 12.89 21.43 13.41
C SER B 85 13.54 20.16 12.84
N GLY B 86 14.56 20.32 11.99
CA GLY B 86 15.31 19.18 11.49
C GLY B 86 15.60 19.15 10.00
N GLU B 87 14.58 19.38 9.17
CA GLU B 87 14.74 19.27 7.72
C GLU B 87 15.58 20.43 7.17
N LYS B 88 15.11 21.67 7.35
CA LYS B 88 15.83 22.85 6.85
C LYS B 88 15.33 24.14 7.49
N LYS B 89 14.94 25.10 6.65
CA LYS B 89 14.44 26.38 7.09
C LYS B 89 12.94 26.45 6.83
N ASP B 90 12.24 27.19 7.70
CA ASP B 90 10.80 27.43 7.56
C ASP B 90 10.01 26.13 7.41
N GLU B 91 10.48 25.08 8.06
CA GLU B 91 9.80 23.79 8.11
C GLU B 91 9.68 23.33 9.57
N VAL B 92 8.66 22.54 9.85
CA VAL B 92 8.31 22.24 11.24
C VAL B 92 7.74 20.83 11.31
N TYR B 93 8.16 20.08 12.32
CA TYR B 93 7.59 18.76 12.57
C TYR B 93 6.63 18.82 13.76
N LEU B 94 5.49 18.18 13.61
CA LEU B 94 4.55 18.01 14.70
C LEU B 94 4.77 16.63 15.30
N ASN B 95 5.07 16.60 16.59
CA ASN B 95 5.35 15.35 17.27
C ASN B 95 4.17 15.03 18.17
N LEU B 96 3.57 13.86 17.97
CA LEU B 96 2.46 13.40 18.79
C LEU B 96 2.97 12.36 19.77
N VAL B 97 2.85 12.64 21.07
CA VAL B 97 3.27 11.71 22.11
C VAL B 97 2.05 10.88 22.49
N LEU B 98 2.17 9.55 22.32
CA LEU B 98 1.01 8.67 22.31
C LEU B 98 1.23 7.51 23.28
N ASP B 99 0.14 6.97 23.77
CA ASP B 99 0.21 5.73 24.53
C ASP B 99 1.01 4.72 23.72
N TYR B 100 1.76 3.88 24.41
CA TYR B 100 2.40 2.74 23.78
C TYR B 100 1.67 1.47 24.19
N VAL B 101 1.54 0.56 23.23
CA VAL B 101 0.82 -0.70 23.39
C VAL B 101 1.56 -1.66 22.47
N PRO B 102 1.98 -2.84 22.95
CA PRO B 102 3.13 -3.51 22.32
C PRO B 102 2.79 -4.53 21.26
N GLU B 103 1.58 -5.08 21.25
CA GLU B 103 1.21 -6.02 20.20
C GLU B 103 0.12 -5.42 19.32
N THR B 104 -0.12 -6.09 18.19
CA THR B 104 -1.16 -5.74 17.25
C THR B 104 -1.94 -6.99 16.90
N VAL B 105 -3.23 -6.80 16.58
CA VAL B 105 -4.04 -7.91 16.14
C VAL B 105 -3.41 -8.59 14.93
N TYR B 106 -2.79 -7.79 14.04
CA TYR B 106 -2.18 -8.39 12.84
C TYR B 106 -1.06 -9.36 13.21
N ARG B 107 -0.26 -9.02 14.22
CA ARG B 107 0.87 -9.88 14.58
C ARG B 107 0.43 -11.14 15.30
N VAL B 108 -0.58 -11.02 16.17
CA VAL B 108 -1.19 -12.19 16.79
C VAL B 108 -1.81 -13.08 15.73
N ALA B 109 -2.51 -12.48 14.77
CA ALA B 109 -3.21 -13.26 13.75
C ALA B 109 -2.23 -14.06 12.89
N ARG B 110 -1.10 -13.45 12.55
CA ARG B 110 -0.13 -14.12 11.68
C ARG B 110 0.44 -15.32 12.38
N HIS B 111 0.69 -15.20 13.68
CA HIS B 111 1.32 -16.26 14.45
C HIS B 111 0.44 -17.52 14.49
N TYR B 112 -0.85 -17.36 14.81
CA TYR B 112 -1.78 -18.49 14.72
C TYR B 112 -1.84 -19.07 13.32
N SER B 113 -1.84 -18.21 12.31
CA SER B 113 -2.04 -18.68 10.95
C SER B 113 -0.79 -19.35 10.39
N ARG B 114 0.41 -18.83 10.70
CA ARG B 114 1.63 -19.55 10.31
C ARG B 114 1.66 -20.92 10.96
N ALA B 115 1.21 -21.02 12.22
CA ALA B 115 1.10 -22.28 12.94
C ALA B 115 -0.11 -23.12 12.53
N LYS B 116 -0.78 -22.76 11.42
CA LYS B 116 -2.00 -23.43 10.95
C LYS B 116 -3.03 -23.56 12.07
N GLN B 117 -3.30 -22.45 12.74
CA GLN B 117 -4.20 -22.40 13.88
C GLN B 117 -5.19 -21.25 13.75
N THR B 118 -6.29 -21.35 14.51
CA THR B 118 -7.33 -20.33 14.52
C THR B 118 -7.45 -19.81 15.94
N LEU B 119 -7.09 -18.55 16.13
CA LEU B 119 -7.22 -17.83 17.39
C LEU B 119 -8.48 -18.21 18.14
N PRO B 120 -8.39 -18.54 19.43
CA PRO B 120 -9.60 -18.94 20.16
C PRO B 120 -10.68 -17.87 20.08
N VAL B 121 -11.93 -18.31 19.91
CA VAL B 121 -13.05 -17.40 19.73
C VAL B 121 -13.17 -16.43 20.90
N ILE B 122 -12.67 -16.79 22.07
CA ILE B 122 -12.80 -15.91 23.21
C ILE B 122 -12.08 -14.59 22.93
N TYR B 123 -10.84 -14.66 22.41
CA TYR B 123 -10.11 -13.45 22.06
C TYR B 123 -10.76 -12.73 20.88
N VAL B 124 -11.39 -13.47 19.99
CA VAL B 124 -12.15 -12.88 18.89
C VAL B 124 -13.27 -12.02 19.42
N LYS B 125 -14.03 -12.52 20.41
CA LYS B 125 -15.09 -11.70 20.98
C LYS B 125 -14.50 -10.53 21.74
N LEU B 126 -13.44 -10.78 22.49
CA LEU B 126 -12.80 -9.71 23.24
C LEU B 126 -12.33 -8.60 22.31
N TYR B 127 -11.54 -8.96 21.30
CA TYR B 127 -10.89 -7.94 20.49
C TYR B 127 -11.92 -7.20 19.65
N MET B 128 -12.87 -7.90 19.04
CA MET B 128 -13.87 -7.25 18.20
C MET B 128 -14.79 -6.33 19.01
N TYR B 129 -15.26 -6.80 20.19
CA TYR B 129 -16.11 -5.96 21.04
C TYR B 129 -15.43 -4.64 21.36
N GLN B 130 -14.20 -4.70 21.87
CA GLN B 130 -13.47 -3.48 22.18
C GLN B 130 -13.29 -2.61 20.94
N LEU B 131 -13.10 -3.24 19.78
CA LEU B 131 -12.99 -2.48 18.54
C LEU B 131 -14.25 -1.66 18.33
N PHE B 132 -15.42 -2.33 18.32
CA PHE B 132 -16.69 -1.62 18.15
C PHE B 132 -16.86 -0.52 19.18
N ARG B 133 -16.59 -0.82 20.46
CA ARG B 133 -16.68 0.21 21.50
C ARG B 133 -15.98 1.50 21.08
N SER B 134 -14.74 1.40 20.60
CA SER B 134 -14.04 2.58 20.13
C SER B 134 -14.70 3.16 18.88
N LEU B 135 -15.35 2.33 18.06
CA LEU B 135 -16.03 2.92 16.91
C LEU B 135 -17.27 3.69 17.34
N ALA B 136 -18.05 3.13 18.28
CA ALA B 136 -19.17 3.86 18.84
C ALA B 136 -18.73 5.23 19.33
N TYR B 137 -17.59 5.29 20.00
CA TYR B 137 -17.11 6.54 20.56
C TYR B 137 -16.74 7.55 19.47
N ILE B 138 -15.91 7.15 18.49
CA ILE B 138 -15.50 8.13 17.50
C ILE B 138 -16.66 8.51 16.61
N HIS B 139 -17.52 7.54 16.30
CA HIS B 139 -18.66 7.84 15.45
C HIS B 139 -19.71 8.68 16.14
N SER B 140 -19.73 8.66 17.48
CA SER B 140 -20.55 9.61 18.23
C SER B 140 -20.18 11.05 17.88
N PHE B 141 -18.89 11.32 17.65
CA PHE B 141 -18.48 12.63 17.15
C PHE B 141 -18.58 12.74 15.64
N GLY B 142 -19.02 11.68 14.96
CA GLY B 142 -19.06 11.68 13.50
C GLY B 142 -17.67 11.71 12.90
N ILE B 143 -16.68 11.45 13.75
CA ILE B 143 -15.32 11.18 13.33
C ILE B 143 -15.27 9.79 12.72
N CYS B 144 -14.77 9.68 11.49
CA CYS B 144 -14.62 8.42 10.80
C CYS B 144 -13.15 8.06 10.76
N HIS B 145 -12.83 6.77 10.98
CA HIS B 145 -11.42 6.42 11.14
C HIS B 145 -10.74 6.27 9.80
N ARG B 146 -11.41 5.57 8.87
CA ARG B 146 -11.05 5.36 7.47
C ARG B 146 -9.80 4.48 7.29
N ASP B 147 -9.35 3.79 8.33
CA ASP B 147 -8.25 2.84 8.16
C ASP B 147 -8.31 1.74 9.22
N ILE B 148 -9.51 1.23 9.50
CA ILE B 148 -9.65 0.06 10.37
C ILE B 148 -9.02 -1.13 9.66
N LYS B 149 -7.88 -1.58 10.18
CA LYS B 149 -7.21 -2.79 9.74
C LYS B 149 -6.54 -3.45 10.94
N PRO B 150 -6.14 -4.72 10.82
CA PRO B 150 -5.57 -5.38 12.01
C PRO B 150 -4.24 -4.80 12.44
N GLN B 151 -3.47 -4.19 11.53
CA GLN B 151 -2.24 -3.51 11.93
C GLN B 151 -2.50 -2.28 12.82
N ASN B 152 -3.71 -1.72 12.81
CA ASN B 152 -3.98 -0.53 13.58
C ASN B 152 -4.76 -0.86 14.85
N LEU B 153 -4.93 -2.15 15.16
CA LEU B 153 -5.55 -2.59 16.41
C LEU B 153 -4.45 -3.06 17.35
N LEU B 154 -4.07 -2.17 18.28
CA LEU B 154 -3.05 -2.47 19.29
C LEU B 154 -3.60 -3.34 20.40
N LEU B 155 -2.73 -4.19 20.95
CA LEU B 155 -3.11 -5.08 22.05
C LEU B 155 -2.08 -5.07 23.17
N ASP B 156 -2.56 -5.07 24.41
CA ASP B 156 -1.74 -5.45 25.55
C ASP B 156 -1.98 -6.94 25.81
N PRO B 157 -1.01 -7.82 25.55
CA PRO B 157 -1.31 -9.27 25.62
C PRO B 157 -1.62 -9.78 27.02
N ASP B 158 -1.12 -9.11 28.08
CA ASP B 158 -1.40 -9.58 29.43
C ASP B 158 -2.79 -9.16 29.91
N THR B 159 -3.27 -7.99 29.50
CA THR B 159 -4.57 -7.48 29.94
C THR B 159 -5.70 -7.73 28.94
N ALA B 160 -5.37 -8.13 27.70
CA ALA B 160 -6.35 -8.31 26.63
C ALA B 160 -7.06 -7.02 26.26
N VAL B 161 -6.48 -5.87 26.62
CA VAL B 161 -7.02 -4.56 26.23
C VAL B 161 -6.65 -4.28 24.78
N LEU B 162 -7.61 -3.81 24.00
CA LEU B 162 -7.35 -3.37 22.63
C LEU B 162 -7.42 -1.86 22.52
N LYS B 163 -6.49 -1.26 21.76
CA LYS B 163 -6.54 0.18 21.47
C LYS B 163 -6.41 0.45 19.98
N LEU B 164 -7.43 1.12 19.41
CA LEU B 164 -7.36 1.62 18.05
C LEU B 164 -6.30 2.72 17.96
N CYS B 165 -5.53 2.72 16.86
CA CYS B 165 -4.48 3.72 16.69
C CYS B 165 -4.43 4.20 15.24
N ASP B 166 -3.49 5.11 14.95
CA ASP B 166 -3.30 5.70 13.63
C ASP B 166 -4.53 6.43 13.10
N PHE B 167 -4.65 7.72 13.44
CA PHE B 167 -5.76 8.55 13.01
C PHE B 167 -5.39 9.44 11.83
N GLY B 168 -4.35 9.08 11.07
CA GLY B 168 -3.90 9.91 9.96
C GLY B 168 -4.76 9.85 8.72
N SER B 169 -5.71 8.93 8.63
CA SER B 169 -6.76 8.91 7.61
C SER B 169 -8.10 9.36 8.17
N ALA B 170 -8.13 9.74 9.43
CA ALA B 170 -9.40 10.00 10.08
C ALA B 170 -9.88 11.40 9.70
N LYS B 171 -11.20 11.59 9.79
CA LYS B 171 -11.80 12.85 9.37
C LYS B 171 -13.15 13.03 10.04
N GLN B 172 -13.39 14.23 10.56
CA GLN B 172 -14.73 14.63 10.99
C GLN B 172 -15.63 14.77 9.76
N LEU B 173 -16.55 13.84 9.58
CA LEU B 173 -17.40 13.84 8.39
C LEU B 173 -18.40 14.98 8.48
N VAL B 174 -18.21 16.01 7.65
CA VAL B 174 -19.16 17.10 7.54
C VAL B 174 -20.12 16.80 6.39
N ARG B 175 -21.41 16.74 6.70
CA ARG B 175 -22.44 16.51 5.69
C ARG B 175 -22.40 17.67 4.70
N GLY B 176 -22.37 17.33 3.41
CA GLY B 176 -22.21 18.38 2.43
C GLY B 176 -20.84 18.46 1.78
N GLU B 177 -19.74 18.47 2.59
CA GLU B 177 -18.42 18.42 1.96
C GLU B 177 -18.14 16.99 1.50
N PRO B 178 -17.53 16.82 0.33
CA PRO B 178 -17.22 15.47 -0.15
C PRO B 178 -15.91 14.96 0.43
N ASN B 179 -15.70 13.65 0.24
CA ASN B 179 -14.59 12.92 0.85
C ASN B 179 -13.98 11.97 -0.16
N VAL B 180 -12.64 11.85 -0.11
CA VAL B 180 -11.91 10.95 -0.98
C VAL B 180 -12.50 9.53 -0.93
N SER B 181 -12.54 8.89 -2.09
CA SER B 181 -13.07 7.53 -2.19
CA SER B 181 -13.08 7.53 -2.20
C SER B 181 -11.99 6.48 -2.06
N PTR B 182 -10.82 6.74 -2.62
CA PTR B 182 -9.67 5.84 -2.49
C PTR B 182 -8.95 5.99 -1.15
O PTR B 182 -7.89 6.62 -1.08
CB PTR B 182 -8.64 6.08 -3.56
CG PTR B 182 -7.63 4.97 -3.70
CD1 PTR B 182 -7.98 3.77 -4.30
CD2 PTR B 182 -6.32 5.12 -3.24
CE1 PTR B 182 -7.05 2.75 -4.45
CE2 PTR B 182 -5.40 4.10 -3.37
CZ PTR B 182 -5.77 2.93 -3.99
OH PTR B 182 -4.90 1.97 -4.16
P PTR B 182 -4.93 0.59 -3.34
O1P PTR B 182 -6.24 -0.08 -3.55
O2P PTR B 182 -4.74 0.93 -1.84
O3P PTR B 182 -3.75 -0.28 -3.84
N ILE B 183 -9.54 5.38 -0.13
CA ILE B 183 -8.99 5.43 1.22
CA ILE B 183 -9.11 5.49 1.25
C ILE B 183 -9.29 4.10 1.85
N CYS B 184 -8.83 3.89 3.09
CA CYS B 184 -8.86 2.58 3.75
CA CYS B 184 -8.83 2.59 3.76
C CYS B 184 -7.94 1.60 3.02
N SER B 185 -7.19 0.78 3.77
CA SER B 185 -6.37 -0.25 3.15
C SER B 185 -7.24 -1.19 2.30
N ARG B 186 -6.75 -1.51 1.11
CA ARG B 186 -7.59 -2.15 0.07
C ARG B 186 -8.43 -3.30 0.61
N TYR B 187 -7.82 -4.21 1.38
CA TYR B 187 -8.55 -5.38 1.83
C TYR B 187 -9.77 -5.00 2.67
N TYR B 188 -9.71 -3.89 3.39
CA TYR B 188 -10.78 -3.53 4.32
C TYR B 188 -11.63 -2.39 3.80
N ARG B 189 -11.44 -2.01 2.54
CA ARG B 189 -12.13 -0.89 1.90
C ARG B 189 -13.57 -1.28 1.54
N ALA B 190 -14.54 -0.58 2.15
CA ALA B 190 -15.98 -0.74 1.87
C ALA B 190 -16.29 -0.56 0.39
N PRO B 191 -17.29 -1.29 -0.11
CA PRO B 191 -17.61 -1.25 -1.54
C PRO B 191 -18.11 0.10 -2.04
N GLU B 192 -18.83 0.90 -1.22
CA GLU B 192 -19.22 2.23 -1.69
C GLU B 192 -18.01 3.07 -2.06
N LEU B 193 -16.89 2.90 -1.35
CA LEU B 193 -15.66 3.58 -1.74
C LEU B 193 -15.17 3.10 -3.09
N ILE B 194 -15.28 1.79 -3.35
CA ILE B 194 -14.78 1.24 -4.59
C ILE B 194 -15.60 1.75 -5.78
N PHE B 195 -16.86 2.11 -5.53
CA PHE B 195 -17.74 2.60 -6.57
C PHE B 195 -17.53 4.09 -6.85
N GLY B 196 -16.77 4.79 -6.03
CA GLY B 196 -16.52 6.20 -6.24
C GLY B 196 -17.23 7.11 -5.28
N ALA B 197 -17.83 6.58 -4.21
CA ALA B 197 -18.66 7.42 -3.35
C ALA B 197 -17.82 8.51 -2.69
N THR B 198 -18.43 9.68 -2.56
CA THR B 198 -17.75 10.83 -1.97
C THR B 198 -18.48 11.39 -0.78
N ASP B 199 -19.75 11.05 -0.59
CA ASP B 199 -20.49 11.47 0.59
C ASP B 199 -20.88 10.25 1.43
N TYR B 200 -19.93 9.40 1.73
CA TYR B 200 -20.26 8.19 2.46
C TYR B 200 -20.38 8.48 3.95
N THR B 201 -20.83 7.47 4.71
CA THR B 201 -20.99 7.62 6.15
C THR B 201 -19.89 6.85 6.89
N SER B 202 -19.92 6.95 8.22
CA SER B 202 -18.96 6.19 9.03
C SER B 202 -19.27 4.70 9.06
N SER B 203 -20.31 4.27 8.34
CA SER B 203 -20.54 2.85 8.18
C SER B 203 -19.40 2.18 7.42
N ILE B 204 -18.56 2.94 6.72
CA ILE B 204 -17.39 2.32 6.10
C ILE B 204 -16.48 1.68 7.15
N ASP B 205 -16.41 2.24 8.34
CA ASP B 205 -15.59 1.61 9.38
C ASP B 205 -16.21 0.29 9.83
N VAL B 206 -17.54 0.25 9.90
CA VAL B 206 -18.26 -0.97 10.21
C VAL B 206 -17.94 -2.05 9.18
N TRP B 207 -17.89 -1.66 7.89
CA TRP B 207 -17.49 -2.62 6.87
C TRP B 207 -16.10 -3.15 7.16
N SER B 208 -15.17 -2.26 7.52
CA SER B 208 -13.81 -2.71 7.82
C SER B 208 -13.78 -3.62 9.05
N ALA B 209 -14.62 -3.35 10.05
CA ALA B 209 -14.59 -4.18 11.25
C ALA B 209 -15.02 -5.61 10.94
N GLY B 210 -16.06 -5.79 10.12
CA GLY B 210 -16.44 -7.12 9.68
C GLY B 210 -15.40 -7.82 8.83
N CYS B 211 -14.58 -7.07 8.10
CA CYS B 211 -13.49 -7.70 7.38
C CYS B 211 -12.46 -8.29 8.33
N VAL B 212 -12.22 -7.60 9.44
CA VAL B 212 -11.30 -8.11 10.45
C VAL B 212 -11.88 -9.35 11.14
N LEU B 213 -13.14 -9.26 11.58
CA LEU B 213 -13.86 -10.40 12.15
C LEU B 213 -13.80 -11.62 11.26
N ALA B 214 -14.26 -11.47 10.02
CA ALA B 214 -14.14 -12.57 9.09
C ALA B 214 -12.70 -13.03 8.96
N GLU B 215 -11.73 -12.12 9.02
CA GLU B 215 -10.34 -12.53 8.88
C GLU B 215 -9.87 -13.31 10.10
N LEU B 216 -10.39 -13.00 11.28
CA LEU B 216 -10.00 -13.74 12.48
C LEU B 216 -10.59 -15.16 12.46
N LEU B 217 -11.82 -15.32 11.98
CA LEU B 217 -12.39 -16.65 11.84
C LEU B 217 -11.75 -17.48 10.73
N LEU B 218 -11.30 -16.85 9.66
CA LEU B 218 -10.74 -17.62 8.56
C LEU B 218 -9.24 -17.89 8.70
N GLY B 219 -8.54 -17.16 9.56
CA GLY B 219 -7.10 -17.19 9.46
C GLY B 219 -6.52 -16.60 8.20
N GLN B 220 -7.30 -15.86 7.39
CA GLN B 220 -6.75 -15.12 6.26
C GLN B 220 -7.73 -14.01 5.88
N PRO B 221 -7.24 -12.95 5.20
CA PRO B 221 -8.15 -11.91 4.70
C PRO B 221 -9.30 -12.50 3.91
N ILE B 222 -10.53 -12.07 4.23
CA ILE B 222 -11.66 -12.65 3.50
C ILE B 222 -11.76 -12.10 2.05
N PHE B 223 -11.38 -10.83 1.79
CA PHE B 223 -11.45 -10.28 0.44
C PHE B 223 -10.06 -9.85 -0.04
N PRO B 224 -9.24 -10.77 -0.50
CA PRO B 224 -7.84 -10.42 -0.86
C PRO B 224 -7.69 -9.94 -2.31
N GLY B 225 -8.14 -8.71 -2.53
CA GLY B 225 -8.05 -8.15 -3.86
C GLY B 225 -6.63 -7.78 -4.25
N ASP B 226 -6.30 -7.98 -5.53
CA ASP B 226 -4.97 -7.61 -5.99
C ASP B 226 -4.93 -6.19 -6.55
N SER B 227 -6.02 -5.45 -6.51
CA SER B 227 -5.99 -4.07 -6.95
C SER B 227 -7.22 -3.36 -6.37
N GLY B 228 -7.18 -2.02 -6.44
CA GLY B 228 -8.30 -1.23 -5.94
C GLY B 228 -9.63 -1.63 -6.54
N VAL B 229 -9.62 -2.13 -7.76
CA VAL B 229 -10.81 -2.49 -8.52
C VAL B 229 -11.16 -3.98 -8.37
N ASP B 230 -10.13 -4.83 -8.42
CA ASP B 230 -10.30 -6.26 -8.16
C ASP B 230 -10.81 -6.53 -6.74
N GLN B 231 -10.57 -5.59 -5.82
CA GLN B 231 -11.16 -5.69 -4.51
C GLN B 231 -12.66 -5.92 -4.61
N LEU B 232 -13.31 -5.20 -5.51
CA LEU B 232 -14.75 -5.35 -5.67
C LEU B 232 -15.10 -6.75 -6.19
N VAL B 233 -14.24 -7.31 -7.01
CA VAL B 233 -14.50 -8.62 -7.58
C VAL B 233 -14.47 -9.68 -6.49
N GLU B 234 -13.39 -9.69 -5.70
CA GLU B 234 -13.30 -10.63 -4.59
C GLU B 234 -14.51 -10.54 -3.67
N ILE B 235 -14.98 -9.31 -3.42
CA ILE B 235 -16.21 -9.11 -2.64
C ILE B 235 -17.38 -9.87 -3.27
N ILE B 236 -17.60 -9.68 -4.57
CA ILE B 236 -18.76 -10.25 -5.24
C ILE B 236 -18.71 -11.77 -5.24
N LYS B 237 -17.52 -12.36 -5.22
CA LYS B 237 -17.42 -13.81 -5.12
C LYS B 237 -18.05 -14.36 -3.85
N VAL B 238 -18.34 -13.51 -2.86
CA VAL B 238 -18.98 -13.93 -1.62
C VAL B 238 -20.39 -13.38 -1.54
N LEU B 239 -20.54 -12.07 -1.71
CA LEU B 239 -21.83 -11.42 -1.54
C LEU B 239 -22.70 -11.53 -2.78
N GLY B 240 -22.16 -11.99 -3.90
CA GLY B 240 -22.89 -11.96 -5.15
C GLY B 240 -22.92 -10.56 -5.71
N THR B 241 -23.53 -10.42 -6.90
CA THR B 241 -23.60 -9.12 -7.56
C THR B 241 -24.56 -8.17 -6.85
N PRO B 242 -24.16 -6.94 -6.55
CA PRO B 242 -25.09 -6.00 -5.93
C PRO B 242 -26.25 -5.66 -6.86
N THR B 243 -27.44 -5.59 -6.27
CA THR B 243 -28.62 -5.14 -7.00
C THR B 243 -28.46 -3.68 -7.39
N ARG B 244 -29.30 -3.27 -8.36
CA ARG B 244 -29.30 -1.88 -8.80
C ARG B 244 -29.44 -0.94 -7.60
N GLU B 245 -30.28 -1.31 -6.63
CA GLU B 245 -30.55 -0.41 -5.52
C GLU B 245 -29.38 -0.34 -4.55
N GLN B 246 -28.78 -1.48 -4.24
CA GLN B 246 -27.52 -1.49 -3.51
C GLN B 246 -26.49 -0.61 -4.21
N ILE B 247 -26.35 -0.79 -5.53
CA ILE B 247 -25.40 0.02 -6.30
C ILE B 247 -25.68 1.51 -6.16
N ARG B 248 -26.97 1.91 -6.20
CA ARG B 248 -27.27 3.33 -6.09
C ARG B 248 -27.26 3.83 -4.64
N GLU B 249 -27.42 2.94 -3.67
CA GLU B 249 -27.17 3.37 -2.30
C GLU B 249 -25.70 3.40 -1.94
N MET B 250 -24.83 2.74 -2.71
CA MET B 250 -23.41 2.95 -2.51
C MET B 250 -22.93 4.22 -3.22
N ASN B 251 -23.42 4.48 -4.43
CA ASN B 251 -23.12 5.73 -5.13
C ASN B 251 -24.33 6.16 -5.95
N PRO B 252 -25.12 7.12 -5.46
CA PRO B 252 -26.31 7.53 -6.23
C PRO B 252 -25.94 8.14 -7.58
N ASN B 253 -24.81 8.86 -7.63
CA ASN B 253 -24.32 9.48 -8.85
C ASN B 253 -23.73 8.47 -9.83
N TYR B 254 -23.98 7.17 -9.66
CA TYR B 254 -23.33 6.17 -10.48
C TYR B 254 -24.18 5.83 -11.70
N THR B 255 -23.56 5.89 -12.88
CA THR B 255 -24.25 5.71 -14.16
C THR B 255 -24.33 4.24 -14.52
N GLU B 256 -23.35 3.75 -15.29
CA GLU B 256 -23.43 2.39 -15.82
C GLU B 256 -22.02 1.92 -16.21
N PHE B 257 -21.36 1.21 -15.29
CA PHE B 257 -20.13 0.48 -15.56
C PHE B 257 -20.33 -0.88 -14.91
N LYS B 258 -20.94 -1.81 -15.65
CA LYS B 258 -21.62 -2.97 -15.08
C LYS B 258 -20.81 -4.25 -15.30
N PHE B 259 -21.42 -5.36 -14.89
CA PHE B 259 -20.72 -6.60 -14.58
C PHE B 259 -21.72 -7.74 -14.60
N PRO B 260 -21.26 -8.99 -14.69
CA PRO B 260 -22.18 -10.13 -14.72
C PRO B 260 -22.80 -10.41 -13.37
N GLN B 261 -23.93 -11.12 -13.39
CA GLN B 261 -24.60 -11.55 -12.18
C GLN B 261 -23.92 -12.81 -11.65
N ILE B 262 -23.48 -12.77 -10.39
CA ILE B 262 -22.87 -13.90 -9.72
C ILE B 262 -23.70 -14.23 -8.49
N LYS B 263 -23.92 -15.51 -8.26
CA LYS B 263 -24.71 -15.96 -7.12
C LYS B 263 -23.96 -15.73 -5.81
N ALA B 264 -24.69 -15.33 -4.78
CA ALA B 264 -24.09 -15.20 -3.46
C ALA B 264 -23.64 -16.55 -2.96
N HIS B 265 -22.39 -16.62 -2.57
CA HIS B 265 -21.93 -17.77 -1.86
C HIS B 265 -22.48 -17.77 -0.44
N PRO B 266 -23.08 -18.86 0.04
CA PRO B 266 -23.77 -18.83 1.34
C PRO B 266 -22.81 -18.67 2.51
N TRP B 267 -23.14 -17.75 3.43
CA TRP B 267 -22.25 -17.43 4.55
C TRP B 267 -21.79 -18.66 5.32
N THR B 268 -22.38 -19.82 5.03
CA THR B 268 -22.12 -21.05 5.80
C THR B 268 -20.91 -21.81 5.29
N LYS B 269 -20.70 -21.93 3.96
CA LYS B 269 -19.44 -22.51 3.49
C LYS B 269 -18.33 -21.48 3.59
N VAL B 270 -18.66 -20.18 3.59
CA VAL B 270 -17.63 -19.13 3.67
C VAL B 270 -16.65 -19.45 4.78
N PHE B 271 -17.18 -19.70 5.99
CA PHE B 271 -16.33 -20.00 7.12
C PHE B 271 -16.11 -21.51 7.27
N ARG B 272 -15.28 -21.87 8.23
CA ARG B 272 -14.82 -23.23 8.42
C ARG B 272 -15.81 -24.03 9.27
N PRO B 273 -15.79 -25.40 9.13
CA PRO B 273 -16.75 -26.28 9.81
C PRO B 273 -17.47 -25.78 11.07
N ARG B 274 -16.82 -25.78 12.23
CA ARG B 274 -17.53 -25.35 13.42
C ARG B 274 -17.16 -23.94 13.85
N THR B 275 -17.30 -23.02 12.90
CA THR B 275 -17.28 -21.59 13.20
C THR B 275 -18.57 -21.25 13.94
N PRO B 276 -18.50 -20.56 15.07
CA PRO B 276 -19.71 -20.23 15.82
C PRO B 276 -20.74 -19.55 14.93
N PRO B 277 -21.93 -20.14 14.81
CA PRO B 277 -22.98 -19.50 13.97
C PRO B 277 -23.31 -18.08 14.37
N GLU B 278 -23.29 -17.77 15.67
CA GLU B 278 -23.49 -16.38 16.07
C GLU B 278 -22.37 -15.47 15.55
N ALA B 279 -21.19 -16.03 15.27
CA ALA B 279 -20.12 -15.25 14.67
C ALA B 279 -20.41 -14.99 13.20
N ILE B 280 -20.80 -16.04 12.47
CA ILE B 280 -21.22 -15.88 11.08
C ILE B 280 -22.38 -14.89 10.99
N ALA B 281 -23.28 -14.94 11.96
CA ALA B 281 -24.45 -14.07 11.92
C ALA B 281 -24.07 -12.60 12.04
N LEU B 282 -23.21 -12.26 13.00
CA LEU B 282 -22.77 -10.88 13.11
C LEU B 282 -22.00 -10.45 11.87
N CYS B 283 -21.30 -11.39 11.24
CA CYS B 283 -20.67 -11.09 9.96
C CYS B 283 -21.68 -10.60 8.93
N SER B 284 -22.68 -11.44 8.64
CA SER B 284 -23.65 -11.12 7.59
C SER B 284 -24.30 -9.76 7.82
N ARG B 285 -24.38 -9.30 9.06
CA ARG B 285 -24.98 -8.02 9.33
C ARG B 285 -23.97 -6.87 9.30
N LEU B 286 -22.70 -7.17 9.09
CA LEU B 286 -21.67 -6.15 8.88
C LEU B 286 -21.33 -5.96 7.41
N LEU B 287 -21.04 -7.04 6.69
CA LEU B 287 -20.66 -6.97 5.28
C LEU B 287 -21.90 -6.99 4.40
N GLU B 288 -22.67 -5.92 4.51
CA GLU B 288 -23.75 -5.64 3.59
C GLU B 288 -23.28 -4.61 2.58
N TYR B 289 -23.90 -4.66 1.40
CA TYR B 289 -23.63 -3.65 0.37
C TYR B 289 -24.14 -2.31 0.79
N THR B 290 -25.45 -2.20 0.98
CA THR B 290 -26.17 -1.06 1.50
C THR B 290 -25.50 -0.52 2.76
N PRO B 291 -24.87 0.66 2.68
CA PRO B 291 -24.20 1.19 3.88
C PRO B 291 -25.14 1.39 5.03
N THR B 292 -26.37 1.81 4.77
CA THR B 292 -27.34 2.05 5.84
C THR B 292 -27.85 0.75 6.47
N ALA B 293 -27.46 -0.42 5.96
CA ALA B 293 -27.95 -1.71 6.44
C ALA B 293 -27.06 -2.37 7.49
N ARG B 294 -25.76 -2.08 7.47
CA ARG B 294 -24.83 -2.62 8.47
C ARG B 294 -25.18 -2.10 9.86
N LEU B 295 -24.81 -2.87 10.89
CA LEU B 295 -25.10 -2.46 12.26
C LEU B 295 -24.34 -1.20 12.60
N THR B 296 -24.83 -0.50 13.60
CA THR B 296 -24.01 0.53 14.21
C THR B 296 -23.04 -0.12 15.21
N PRO B 297 -21.92 0.54 15.52
CA PRO B 297 -20.97 -0.09 16.46
C PRO B 297 -21.62 -0.42 17.79
N LEU B 298 -22.29 0.54 18.43
CA LEU B 298 -23.00 0.31 19.68
C LEU B 298 -23.95 -0.89 19.56
N GLU B 299 -24.59 -1.04 18.40
CA GLU B 299 -25.53 -2.15 18.23
C GLU B 299 -24.81 -3.46 18.02
N ALA B 300 -23.67 -3.42 17.32
CA ALA B 300 -22.86 -4.62 17.13
C ALA B 300 -22.30 -5.11 18.47
N CYS B 301 -21.86 -4.17 19.32
CA CYS B 301 -21.51 -4.50 20.69
C CYS B 301 -22.58 -5.36 21.36
N ALA B 302 -23.86 -5.03 21.13
CA ALA B 302 -24.96 -5.74 21.78
C ALA B 302 -25.26 -7.09 21.15
N HIS B 303 -24.69 -7.41 20.00
CA HIS B 303 -24.96 -8.69 19.35
C HIS B 303 -24.72 -9.84 20.32
N SER B 304 -25.36 -10.99 20.07
CA SER B 304 -25.23 -12.13 20.96
C SER B 304 -23.88 -12.82 20.84
N PHE B 305 -23.14 -12.56 19.75
CA PHE B 305 -21.77 -13.07 19.65
C PHE B 305 -20.96 -12.68 20.86
N PHE B 306 -21.20 -11.48 21.39
CA PHE B 306 -20.51 -10.95 22.54
C PHE B 306 -21.20 -11.27 23.86
N ASP B 307 -22.23 -12.11 23.87
CA ASP B 307 -23.01 -12.30 25.09
C ASP B 307 -22.18 -12.99 26.17
N GLU B 308 -21.28 -13.89 25.76
CA GLU B 308 -20.36 -14.53 26.70
C GLU B 308 -19.63 -13.51 27.56
N LEU B 309 -19.27 -12.36 26.98
CA LEU B 309 -18.57 -11.34 27.75
C LEU B 309 -19.44 -10.69 28.81
N ARG B 310 -20.73 -11.05 28.87
CA ARG B 310 -21.63 -10.45 29.84
C ARG B 310 -21.90 -11.33 31.06
N ASP B 311 -21.56 -12.61 31.00
CA ASP B 311 -21.63 -13.47 32.18
C ASP B 311 -20.56 -13.03 33.18
N PRO B 312 -20.94 -12.67 34.42
CA PRO B 312 -19.92 -12.26 35.40
C PRO B 312 -18.87 -13.33 35.68
N ASN B 313 -19.19 -14.60 35.43
CA ASN B 313 -18.21 -15.68 35.57
C ASN B 313 -16.96 -15.44 34.71
N VAL B 314 -17.11 -14.81 33.55
CA VAL B 314 -16.10 -14.89 32.50
C VAL B 314 -14.78 -14.27 32.96
N LYS B 315 -13.68 -14.96 32.61
CA LYS B 315 -12.31 -14.55 32.89
C LYS B 315 -11.51 -14.64 31.61
N LEU B 316 -10.28 -14.09 31.62
CA LEU B 316 -9.39 -14.32 30.49
C LEU B 316 -8.65 -15.64 30.62
N PRO B 317 -8.24 -16.23 29.50
CA PRO B 317 -7.55 -17.54 29.54
C PRO B 317 -6.41 -17.62 30.54
N ASN B 318 -5.78 -16.50 30.89
CA ASN B 318 -4.72 -16.51 31.89
C ASN B 318 -5.25 -16.36 33.30
N GLY B 319 -6.54 -16.60 33.52
CA GLY B 319 -7.13 -16.57 34.84
C GLY B 319 -7.44 -15.19 35.37
N ARG B 320 -6.93 -14.13 34.74
CA ARG B 320 -7.22 -12.75 35.15
C ARG B 320 -8.60 -12.33 34.66
N ASP B 321 -9.01 -11.14 35.09
CA ASP B 321 -10.34 -10.63 34.77
C ASP B 321 -10.35 -9.95 33.40
N THR B 322 -11.55 -9.82 32.84
CA THR B 322 -11.75 -9.10 31.59
C THR B 322 -11.38 -7.64 31.78
N PRO B 323 -11.02 -6.94 30.70
CA PRO B 323 -10.91 -5.48 30.78
C PRO B 323 -12.26 -4.87 31.14
N ALA B 324 -12.22 -3.60 31.52
CA ALA B 324 -13.45 -2.90 31.87
C ALA B 324 -14.36 -2.80 30.66
N LEU B 325 -15.29 -3.75 30.52
CA LEU B 325 -16.10 -3.88 29.30
C LEU B 325 -17.46 -3.19 29.38
N PHE B 326 -17.77 -2.48 30.48
CA PHE B 326 -19.09 -1.86 30.59
C PHE B 326 -19.07 -0.43 31.10
N ASN B 327 -17.91 0.14 31.43
CA ASN B 327 -17.86 1.51 31.94
C ASN B 327 -18.27 2.51 30.86
N PHE B 328 -19.50 2.38 30.35
CA PHE B 328 -19.95 3.19 29.24
C PHE B 328 -20.13 4.65 29.66
N THR B 329 -20.09 5.55 28.68
CA THR B 329 -20.34 6.96 28.94
C THR B 329 -21.56 7.41 28.14
N THR B 330 -22.22 8.46 28.66
CA THR B 330 -23.42 8.99 28.00
C THR B 330 -23.11 9.44 26.58
N GLN B 331 -21.94 10.03 26.37
CA GLN B 331 -21.50 10.31 25.01
C GLN B 331 -21.36 9.02 24.21
N GLU B 332 -20.77 8.00 24.83
CA GLU B 332 -20.54 6.73 24.16
C GLU B 332 -21.85 6.04 23.81
N LEU B 333 -22.87 6.23 24.63
CA LEU B 333 -24.18 5.68 24.33
C LEU B 333 -25.09 6.66 23.62
N SER B 334 -24.61 7.88 23.33
CA SER B 334 -25.46 8.94 22.81
C SER B 334 -26.24 8.53 21.55
N SER B 335 -25.78 7.52 20.81
CA SER B 335 -26.47 7.13 19.59
C SER B 335 -27.78 6.40 19.89
N ASN B 336 -27.77 5.54 20.93
CA ASN B 336 -28.91 4.67 21.27
C ASN B 336 -28.88 4.29 22.74
N PRO B 337 -29.17 5.21 23.66
CA PRO B 337 -29.07 4.91 25.12
C PRO B 337 -29.93 3.73 25.54
N PRO B 338 -31.15 3.51 24.95
CA PRO B 338 -31.95 2.32 25.30
C PRO B 338 -31.17 1.01 25.41
N LEU B 339 -30.22 0.77 24.51
CA LEU B 339 -29.56 -0.53 24.50
C LEU B 339 -28.63 -0.74 25.69
N ALA B 340 -28.47 0.27 26.56
CA ALA B 340 -27.70 0.09 27.79
C ALA B 340 -28.27 -1.04 28.65
N THR B 341 -29.57 -1.32 28.51
CA THR B 341 -30.13 -2.48 29.22
C THR B 341 -29.44 -3.77 28.81
N ILE B 342 -28.97 -3.86 27.57
CA ILE B 342 -28.20 -5.01 27.13
C ILE B 342 -26.70 -4.79 27.36
N LEU B 343 -26.18 -3.61 27.02
CA LEU B 343 -24.74 -3.38 27.09
C LEU B 343 -24.22 -3.49 28.52
N ILE B 344 -24.91 -2.89 29.48
CA ILE B 344 -24.53 -2.97 30.89
C ILE B 344 -25.37 -4.08 31.53
N PRO B 345 -24.79 -5.26 31.81
CA PRO B 345 -25.59 -6.33 32.37
C PRO B 345 -25.94 -6.05 33.81
N PRO B 346 -27.03 -6.63 34.33
CA PRO B 346 -27.44 -6.34 35.72
C PRO B 346 -26.31 -6.49 36.73
N HIS B 347 -25.44 -7.49 36.57
CA HIS B 347 -24.36 -7.69 37.52
C HIS B 347 -23.31 -6.58 37.49
N ALA B 348 -23.39 -5.66 36.54
CA ALA B 348 -22.47 -4.53 36.47
C ALA B 348 -22.99 -3.30 37.18
N ARG B 349 -24.22 -3.33 37.69
CA ARG B 349 -24.77 -2.23 38.46
C ARG B 349 -24.70 -2.48 39.96
N ILE B 350 -24.59 -3.73 40.38
CA ILE B 350 -24.44 -4.15 41.77
C ILE B 350 -25.66 -3.70 42.60
N GLY C 1 39.05 3.12 -0.94
CA GLY C 1 38.31 1.87 -0.99
C GLY C 1 39.12 0.79 -0.29
N SER C 2 38.54 0.19 0.75
CA SER C 2 39.33 -0.71 1.59
C SER C 2 38.53 -1.96 1.93
N HIS C 3 37.84 -2.52 0.95
CA HIS C 3 37.12 -3.81 1.06
C HIS C 3 36.00 -3.63 2.10
N GLY C 4 35.79 -4.59 3.00
CA GLY C 4 34.48 -4.72 3.59
C GLY C 4 33.55 -5.27 2.53
N HIS C 5 33.47 -6.60 2.43
CA HIS C 5 33.06 -7.25 1.19
C HIS C 5 31.55 -7.31 1.03
N HIS C 6 31.07 -6.92 -0.16
CA HIS C 6 29.70 -7.19 -0.57
C HIS C 6 29.44 -8.69 -0.54
N HIS C 7 28.21 -9.10 -0.85
CA HIS C 7 27.86 -10.51 -0.93
C HIS C 7 28.55 -11.15 -2.15
N HIS C 8 28.13 -12.35 -2.58
CA HIS C 8 28.82 -13.00 -3.70
C HIS C 8 27.85 -13.76 -4.60
N HIS C 9 27.95 -13.49 -5.91
CA HIS C 9 27.32 -14.25 -7.01
C HIS C 9 26.64 -15.58 -6.62
C1 MLI D . 8.58 15.35 -3.67
C2 MLI D . 8.67 14.08 -4.53
C3 MLI D . 8.10 16.49 -4.56
O6 MLI D . 7.64 13.48 -4.92
O7 MLI D . 9.79 13.62 -4.88
O8 MLI D . 8.65 16.71 -5.67
O9 MLI D . 7.12 17.19 -4.21
C1 GOL E . -13.15 8.48 -19.38
O1 GOL E . -13.26 9.88 -19.41
C2 GOL E . -14.58 7.93 -19.07
O2 GOL E . -15.24 8.58 -18.01
C3 GOL E . -15.30 8.02 -20.40
O3 GOL E . -14.60 7.17 -21.21
C1 GOL F . 2.59 -2.03 0.40
O1 GOL F . 2.98 -0.91 -0.42
C2 GOL F . 2.43 -3.27 -0.51
O2 GOL F . 3.67 -3.85 -0.96
C3 GOL F . 1.49 -4.22 0.27
O3 GOL F . 2.03 -4.38 1.57
C1 GOL G . -1.83 -3.22 3.97
O1 GOL G . -1.86 -1.80 3.93
C2 GOL G . -0.45 -3.72 4.62
O2 GOL G . -0.36 -3.39 5.96
C3 GOL G . -0.39 -5.30 4.35
O3 GOL G . 0.57 -5.93 5.21
S DMS H . 3.51 -16.86 -20.46
O DMS H . 4.93 -16.85 -19.99
C1 DMS H . 2.45 -17.67 -19.23
C2 DMS H . 2.86 -15.17 -20.36
S DMS I . -2.37 -1.96 -13.92
O DMS I . -3.73 -1.76 -13.25
C1 DMS I . -0.98 -1.22 -13.01
C2 DMS I . -1.89 -3.71 -13.84
S DMS J . -2.73 -6.46 -11.11
O DMS J . -3.50 -5.78 -12.20
C1 DMS J . -3.47 -8.10 -11.06
C2 DMS J . -1.15 -6.87 -11.84
C1 G8E K . -8.80 -6.91 -18.07
C10 G8E K . -3.49 -2.08 -18.13
C11 G8E K . -3.27 -2.14 -19.52
C12 G8E K . -2.44 0.01 -19.45
C13 G8E K . -2.67 0.07 -18.08
C14 G8E K . -2.35 1.26 -17.21
C15 G8E K . -2.45 2.05 -14.77
C16 G8E K . -1.90 3.25 -15.07
C17 G8E K . -1.69 4.15 -14.10
C18 G8E K . -2.07 3.86 -12.79
C19 G8E K . -2.83 1.78 -13.48
C2 G8E K . -9.69 -6.58 -15.92
C20 G8E K . -7.45 -7.02 -17.35
C3 G8E K . -8.22 -6.35 -15.53
C4 G8E K . -5.27 -5.49 -16.29
C5 G8E K . -5.42 -4.23 -15.67
C6 G8E K . -4.84 -3.12 -16.27
C7 G8E K . -4.12 -3.28 -17.44
C8 G8E K . -3.99 -4.52 -18.03
C9 G8E K . -4.55 -5.65 -17.46
N1 G8E K . -7.46 -7.14 -16.10
N2 G8E K . -2.73 -1.10 -20.15
N3 G8E K . -3.20 -0.97 -17.44
N4 G8E K . -2.68 1.05 -15.79
N5 G8E K . -2.65 2.69 -12.50
N6 G8E K . -1.85 1.14 -20.11
O1 G8E K . -9.90 -6.53 -17.30
O2 G8E K . -5.15 -8.26 -15.97
O3 G8E K . -6.19 -6.72 -13.92
O4 G8E K . -1.83 2.24 -17.67
S1 G8E K . -6.03 -6.95 -15.54
C1 MLI L . -10.66 14.63 1.45
C2 MLI L . -10.55 13.59 2.58
C3 MLI L . -10.47 16.04 2.01
O6 MLI L . -11.58 13.01 3.01
O7 MLI L . -9.43 13.33 3.12
O8 MLI L . -9.48 16.73 1.66
O9 MLI L . -11.28 16.51 2.84
C1 GOL M . 14.19 11.71 17.39
O1 GOL M . 14.84 12.36 16.33
C2 GOL M . 12.76 12.32 17.48
O2 GOL M . 12.05 11.84 18.57
C3 GOL M . 12.98 13.84 17.55
O3 GOL M . 11.88 14.45 16.92
C1 GOL N . -4.79 -12.80 9.24
O1 GOL N . -5.73 -13.64 9.96
C2 GOL N . -3.32 -13.36 9.44
O2 GOL N . -2.90 -14.21 8.42
C3 GOL N . -2.42 -12.12 9.56
O3 GOL N . -1.30 -12.43 8.77
C1 GOL O . -0.36 -5.34 -4.26
O1 GOL O . -0.84 -4.11 -4.74
C2 GOL O . -1.29 -6.53 -4.78
O2 GOL O . -1.22 -6.78 -6.18
C3 GOL O . -0.86 -7.79 -3.92
O3 GOL O . -2.06 -8.38 -3.46
C1 GOL P . -5.09 5.31 3.28
O1 GOL P . -5.63 4.84 4.58
C2 GOL P . -4.24 4.12 2.78
O2 GOL P . -4.43 3.03 3.68
C3 GOL P . -4.74 3.78 1.34
O3 GOL P . -4.71 4.98 0.57
S DMS Q . -2.94 -13.65 22.53
O DMS Q . -4.33 -14.17 22.36
C1 DMS Q . -2.53 -13.61 24.30
C2 DMS Q . -1.71 -14.85 21.99
S DMS R . 1.97 -4.31 12.34
O DMS R . 0.75 -5.13 12.61
C1 DMS R . 3.43 -4.92 13.23
C2 DMS R . 2.61 -4.51 10.65
S DMS S . 1.85 0.62 13.81
O DMS S . 3.18 0.30 13.13
C1 DMS S . 0.45 0.53 12.68
C2 DMS S . 1.29 -0.65 14.97
C1 G8E T . 8.51 -2.64 18.68
C10 G8E T . 2.72 1.08 18.20
C11 G8E T . 2.42 1.25 19.56
C12 G8E T . 1.52 3.29 19.08
C13 G8E T . 1.81 3.13 17.74
C14 G8E T . 1.51 4.14 16.65
C15 G8E T . 1.38 4.40 14.12
C16 G8E T . 0.49 5.42 14.12
C17 G8E T . 0.30 6.15 13.00
C18 G8E T . 1.04 5.86 11.86
C19 G8E T . 2.11 4.11 13.00
C2 G8E T . 9.38 -2.79 16.52
C20 G8E T . 7.20 -3.11 18.05
C3 G8E T . 7.91 -3.00 16.13
C4 G8E T . 4.83 -2.39 16.93
C5 G8E T . 4.94 -1.20 16.21
C6 G8E T . 4.25 -0.09 16.63
C7 G8E T . 3.44 -0.17 17.76
C8 G8E T . 3.33 -1.36 18.49
C9 G8E T . 4.03 -2.48 18.07
N1 G8E T . 7.24 -3.68 16.93
N2 G8E T . 1.80 2.35 19.96
N3 G8E T . 2.43 2.04 17.33
N4 G8E T . 1.62 3.60 15.31
N5 G8E T . 1.93 4.85 11.87
N6 G8E T . 0.86 4.46 19.54
O1 G8E T . 9.64 -2.85 17.90
O2 G8E T . 5.09 -5.22 16.84
O3 G8E T . 5.97 -3.76 14.72
O4 G8E T . 1.18 5.27 16.90
S1 G8E T . 5.80 -3.82 16.35
#